data_4C5M
#
_entry.id   4C5M
#
_cell.length_a   62.210
_cell.length_b   100.510
_cell.length_c   167.060
_cell.angle_alpha   90.00
_cell.angle_beta   90.00
_cell.angle_gamma   90.00
#
_symmetry.space_group_name_H-M   'P 21 21 21'
#
loop_
_entity.id
_entity.type
_entity.pdbx_description
1 polymer 'PHOSPHOMETHYLPYRIMIDINE KINASE'
2 non-polymer 'PHOSPHOMETHYLPHOSPHONIC ACID ADENYLATE ESTER'
3 non-polymer 'SULFATE ION'
4 water water
#
_entity_poly.entity_id   1
_entity_poly.type   'polypeptide(L)'
_entity_poly.pdbx_seq_one_letter_code
;GALKKVLTIAGSDTSAGAGMQADLKTFQELDTYGMVALTAIVTMDKDTWSHDVTPLPMDVFEKQLETALSIGPDAIKTGM
LGTEEIIKRAGEVYEASNAQYFVVDPVMVCKGEDEVLNPGNTEAMIKYLLPKATVVTPNLFEAGQLSGLGKLNSIEDMKK
AATIIFDKGAQHVIIKGGKALDQDKSYDLYYDGQTFYQLTTDMFQQSYNHGAGCTFAAATTAYLANGKSPKEAVISAKAF
VASAIKNGWKMNDFVGPVDHGAYNRIEHIDVEVTEV
;
_entity_poly.pdbx_strand_id   A,B,C,D
#
# COMPACT_ATOMS: atom_id res chain seq x y z
N GLY A 1 23.54 24.58 -18.56
CA GLY A 1 22.90 24.83 -17.25
C GLY A 1 22.44 23.53 -16.61
N ALA A 2 21.85 23.63 -15.43
CA ALA A 2 21.41 22.44 -14.75
C ALA A 2 20.23 21.83 -15.48
N LEU A 3 20.15 20.51 -15.40
CA LEU A 3 18.98 19.82 -15.95
C LEU A 3 17.70 20.32 -15.30
N LYS A 4 16.69 20.56 -16.12
CA LYS A 4 15.37 20.86 -15.61
C LYS A 4 14.71 19.59 -15.08
N LYS A 5 14.12 19.72 -13.90
CA LYS A 5 13.42 18.64 -13.22
C LYS A 5 11.98 18.58 -13.67
N VAL A 6 11.63 17.48 -14.34
CA VAL A 6 10.30 17.35 -14.93
C VAL A 6 9.63 16.13 -14.32
N LEU A 7 8.54 16.39 -13.61
CA LEU A 7 7.72 15.36 -12.96
C LEU A 7 6.52 14.99 -13.76
N THR A 8 6.29 13.69 -13.93
CA THR A 8 5.02 13.19 -14.42
C THR A 8 4.27 12.50 -13.29
N ILE A 9 2.98 12.76 -13.21
CA ILE A 9 2.06 12.07 -12.32
C ILE A 9 1.25 11.13 -13.22
N ALA A 10 1.54 9.85 -13.14
CA ALA A 10 1.07 8.92 -14.15
C ALA A 10 1.16 7.52 -13.69
N GLY A 11 0.54 6.62 -14.43
CA GLY A 11 0.57 5.19 -14.16
C GLY A 11 1.67 4.50 -14.96
N SER A 12 2.00 3.28 -14.55
CA SER A 12 2.91 2.43 -15.28
C SER A 12 2.21 1.64 -16.35
N ASP A 13 2.67 1.79 -17.60
CA ASP A 13 2.24 0.98 -18.75
C ASP A 13 3.25 -0.15 -18.89
N THR A 14 2.93 -1.35 -18.42
CA THR A 14 3.93 -2.38 -18.37
C THR A 14 4.53 -2.67 -19.77
N SER A 15 3.75 -2.48 -20.83
CA SER A 15 4.25 -2.66 -22.18
C SER A 15 5.31 -1.63 -22.58
N ALA A 16 5.36 -0.50 -21.87
CA ALA A 16 6.42 0.51 -21.87
C ALA A 16 6.42 1.49 -23.05
N GLY A 17 5.30 1.55 -23.75
CA GLY A 17 5.17 2.49 -24.83
C GLY A 17 4.48 3.81 -24.49
N ALA A 18 3.61 3.74 -23.49
CA ALA A 18 2.81 4.85 -23.03
C ALA A 18 3.04 5.05 -21.54
N GLY A 19 2.16 5.79 -20.85
CA GLY A 19 2.31 5.97 -19.43
C GLY A 19 3.61 6.66 -19.02
N MET A 20 4.00 6.37 -17.78
CA MET A 20 5.20 6.99 -17.22
C MET A 20 6.42 6.56 -18.00
N GLN A 21 6.39 5.38 -18.61
CA GLN A 21 7.53 4.95 -19.39
C GLN A 21 7.75 5.85 -20.59
N ALA A 22 6.70 6.11 -21.35
CA ALA A 22 6.82 7.11 -22.43
C ALA A 22 7.33 8.47 -21.92
N ASP A 23 6.82 8.89 -20.76
CA ASP A 23 7.16 10.20 -20.18
C ASP A 23 8.67 10.23 -19.84
N LEU A 24 9.14 9.24 -19.09
CA LEU A 24 10.55 9.25 -18.72
C LEU A 24 11.47 9.13 -19.92
N LYS A 25 11.09 8.29 -20.89
CA LYS A 25 11.89 8.11 -22.08
C LYS A 25 11.99 9.41 -22.84
N THR A 26 10.86 10.09 -22.98
CA THR A 26 10.79 11.35 -23.72
C THR A 26 11.54 12.48 -23.00
N PHE A 27 11.37 12.55 -21.71
CA PHE A 27 12.12 13.51 -20.90
C PHE A 27 13.64 13.31 -21.07
N GLN A 28 14.06 12.05 -21.15
CA GLN A 28 15.45 11.72 -21.34
C GLN A 28 15.95 12.13 -22.71
N GLU A 29 15.15 11.83 -23.71
CA GLU A 29 15.51 12.21 -25.10
C GLU A 29 15.71 13.71 -25.25
N LEU A 30 14.97 14.47 -24.45
CA LEU A 30 14.95 15.92 -24.52
C LEU A 30 15.79 16.57 -23.40
N ASP A 31 16.72 15.78 -22.86
CA ASP A 31 17.75 16.30 -21.99
C ASP A 31 17.19 17.07 -20.76
N THR A 32 16.22 16.44 -20.12
CA THR A 32 15.68 16.85 -18.83
C THR A 32 15.86 15.73 -17.81
N TYR A 33 15.68 16.06 -16.53
CA TYR A 33 15.74 15.10 -15.46
C TYR A 33 14.32 14.62 -15.15
N GLY A 34 14.01 13.44 -15.65
CA GLY A 34 12.68 12.89 -15.47
C GLY A 34 12.40 12.31 -14.11
N MET A 35 11.19 12.54 -13.60
CA MET A 35 10.75 11.98 -12.34
C MET A 35 9.29 11.54 -12.49
N VAL A 36 8.88 10.60 -11.65
CA VAL A 36 7.51 10.09 -11.66
C VAL A 36 6.97 9.85 -10.26
N ALA A 37 5.71 10.28 -10.09
CA ALA A 37 4.85 9.86 -8.99
C ALA A 37 3.83 8.88 -9.58
N LEU A 38 3.96 7.61 -9.22
CA LEU A 38 3.17 6.53 -9.79
C LEU A 38 1.80 6.43 -9.14
N THR A 39 0.77 6.37 -9.97
CA THR A 39 -0.63 6.28 -9.54
C THR A 39 -1.21 4.87 -9.58
N ALA A 40 -0.70 4.03 -10.46
CA ALA A 40 -1.32 2.76 -10.79
C ALA A 40 -0.36 1.96 -11.66
N ILE A 41 -0.61 0.65 -11.77
CA ILE A 41 0.13 -0.22 -12.64
C ILE A 41 -0.86 -0.86 -13.56
N VAL A 42 -0.58 -0.74 -14.85
CA VAL A 42 -1.41 -1.32 -15.90
C VAL A 42 -0.68 -2.48 -16.55
N THR A 43 -1.35 -3.63 -16.54
CA THR A 43 -0.84 -4.86 -17.17
C THR A 43 -1.80 -5.30 -18.25
N MET A 44 -1.34 -6.24 -19.07
CA MET A 44 -2.07 -6.70 -20.23
C MET A 44 -2.08 -8.23 -20.30
N ASP A 45 -3.25 -8.80 -20.59
CA ASP A 45 -3.40 -10.22 -20.69
C ASP A 45 -2.61 -10.71 -21.91
N LYS A 46 -1.89 -11.82 -21.74
CA LYS A 46 -1.03 -12.30 -22.82
C LYS A 46 -1.80 -12.76 -24.08
N ASP A 47 -3.06 -13.14 -23.93
CA ASP A 47 -3.85 -13.63 -25.04
C ASP A 47 -4.79 -12.64 -25.71
N THR A 48 -5.30 -11.69 -24.95
CA THR A 48 -6.21 -10.68 -25.51
C THR A 48 -5.69 -9.24 -25.52
N TRP A 49 -4.59 -9.03 -24.80
CA TRP A 49 -4.07 -7.72 -24.50
C TRP A 49 -5.04 -6.82 -23.72
N SER A 50 -6.06 -7.41 -23.10
CA SER A 50 -6.98 -6.63 -22.27
C SER A 50 -6.25 -6.05 -21.07
N HIS A 51 -6.49 -4.77 -20.80
CA HIS A 51 -5.83 -4.08 -19.69
C HIS A 51 -6.43 -4.44 -18.34
N ASP A 52 -5.54 -4.51 -17.37
CA ASP A 52 -5.88 -4.62 -15.96
C ASP A 52 -5.20 -3.49 -15.24
N VAL A 53 -5.99 -2.60 -14.66
CA VAL A 53 -5.51 -1.42 -13.94
C VAL A 53 -5.53 -1.69 -12.44
N THR A 54 -4.34 -1.71 -11.84
CA THR A 54 -4.20 -1.86 -10.41
C THR A 54 -3.84 -0.51 -9.80
N PRO A 55 -4.77 0.10 -9.08
CA PRO A 55 -4.39 1.33 -8.44
C PRO A 55 -3.39 1.09 -7.34
N LEU A 56 -2.47 2.03 -7.13
CA LEU A 56 -1.60 1.96 -5.98
C LEU A 56 -2.33 2.55 -4.80
N PRO A 57 -2.00 2.09 -3.60
CA PRO A 57 -2.61 2.67 -2.43
C PRO A 57 -2.31 4.17 -2.29
N MET A 58 -3.29 4.90 -1.80
CA MET A 58 -3.14 6.33 -1.73
C MET A 58 -2.01 6.75 -0.79
N ASP A 59 -1.73 5.97 0.24
CA ASP A 59 -0.60 6.34 1.14
C ASP A 59 0.72 6.39 0.39
N VAL A 60 0.96 5.43 -0.51
CA VAL A 60 2.22 5.42 -1.24
C VAL A 60 2.22 6.51 -2.31
N PHE A 61 1.07 6.82 -2.87
CA PHE A 61 0.97 7.97 -3.77
C PHE A 61 1.39 9.26 -3.08
N GLU A 62 0.85 9.49 -1.89
CA GLU A 62 1.17 10.68 -1.12
C GLU A 62 2.65 10.73 -0.69
N LYS A 63 3.19 9.57 -0.33
CA LYS A 63 4.61 9.55 -0.02
C LYS A 63 5.50 9.96 -1.22
N GLN A 64 5.13 9.46 -2.40
CA GLN A 64 5.82 9.83 -3.63
C GLN A 64 5.71 11.33 -3.89
N LEU A 65 4.50 11.88 -3.75
CA LEU A 65 4.31 13.30 -3.94
C LEU A 65 5.15 14.17 -2.97
N GLU A 66 5.26 13.76 -1.70
CA GLU A 66 6.09 14.46 -0.73
C GLU A 66 7.53 14.51 -1.18
N THR A 67 8.05 13.37 -1.62
CA THR A 67 9.43 13.32 -2.10
C THR A 67 9.63 14.22 -3.33
N ALA A 68 8.72 14.13 -4.26
CA ALA A 68 8.84 14.88 -5.49
C ALA A 68 8.72 16.39 -5.26
N LEU A 69 7.78 16.80 -4.40
CA LEU A 69 7.57 18.23 -4.12
C LEU A 69 8.81 18.75 -3.40
N SER A 70 9.40 17.94 -2.52
CA SER A 70 10.59 18.35 -1.80
C SER A 70 11.74 18.59 -2.77
N ILE A 71 11.92 17.67 -3.71
CA ILE A 71 12.97 17.83 -4.74
C ILE A 71 12.76 19.13 -5.55
N GLY A 72 11.51 19.46 -5.86
CA GLY A 72 11.17 20.73 -6.49
C GLY A 72 11.19 20.65 -8.00
N PRO A 73 10.10 20.17 -8.60
CA PRO A 73 10.12 20.15 -10.06
C PRO A 73 10.02 21.53 -10.68
N ASP A 74 10.63 21.66 -11.86
CA ASP A 74 10.52 22.85 -12.68
C ASP A 74 9.24 22.83 -13.55
N ALA A 75 8.77 21.61 -13.88
CA ALA A 75 7.56 21.40 -14.67
C ALA A 75 6.90 20.12 -14.24
N ILE A 76 5.60 20.07 -14.37
CA ILE A 76 4.81 18.90 -14.05
C ILE A 76 3.84 18.60 -15.16
N LYS A 77 3.77 17.33 -15.55
CA LYS A 77 2.80 16.78 -16.46
C LYS A 77 1.88 15.86 -15.68
N THR A 78 0.61 15.85 -16.06
CA THR A 78 -0.32 14.83 -15.60
C THR A 78 -0.72 13.94 -16.74
N GLY A 79 -0.72 12.64 -16.47
CA GLY A 79 -1.23 11.61 -17.39
C GLY A 79 -2.58 11.09 -16.94
N MET A 80 -2.86 9.84 -17.24
CA MET A 80 -4.12 9.23 -16.80
C MET A 80 -4.14 9.20 -15.27
N LEU A 81 -5.17 9.78 -14.66
CA LEU A 81 -5.18 9.93 -13.18
C LEU A 81 -6.11 8.99 -12.41
N GLY A 82 -7.22 8.66 -13.02
CA GLY A 82 -8.05 7.58 -12.46
C GLY A 82 -9.26 7.97 -11.61
N THR A 83 -9.06 8.84 -10.62
CA THR A 83 -10.13 9.28 -9.77
C THR A 83 -10.22 10.79 -9.67
N GLU A 84 -11.41 11.30 -9.35
CA GLU A 84 -11.60 12.71 -9.03
C GLU A 84 -10.70 13.14 -7.91
N GLU A 85 -10.46 12.25 -6.99
CA GLU A 85 -9.58 12.56 -5.87
C GLU A 85 -8.16 12.82 -6.31
N ILE A 86 -7.62 11.97 -7.17
CA ILE A 86 -6.23 12.14 -7.65
C ILE A 86 -6.13 13.34 -8.56
N ILE A 87 -7.17 13.56 -9.35
CA ILE A 87 -7.23 14.76 -10.21
C ILE A 87 -7.08 16.03 -9.37
N LYS A 88 -7.83 16.11 -8.27
CA LYS A 88 -7.80 17.28 -7.40
C LYS A 88 -6.41 17.40 -6.73
N ARG A 89 -5.83 16.28 -6.31
CA ARG A 89 -4.48 16.29 -5.70
C ARG A 89 -3.38 16.77 -6.65
N ALA A 90 -3.47 16.35 -7.91
CA ALA A 90 -2.46 16.76 -8.89
C ALA A 90 -2.40 18.28 -9.01
N GLY A 91 -3.57 18.91 -9.06
CA GLY A 91 -3.61 20.36 -9.13
C GLY A 91 -3.00 20.98 -7.90
N GLU A 92 -3.30 20.38 -6.75
CA GLU A 92 -2.79 20.89 -5.49
C GLU A 92 -1.27 20.81 -5.41
N VAL A 93 -0.68 19.72 -5.90
CA VAL A 93 0.77 19.62 -5.85
C VAL A 93 1.43 20.63 -6.77
N TYR A 94 0.83 20.89 -7.91
CA TYR A 94 1.38 21.92 -8.79
C TYR A 94 1.40 23.28 -8.08
N GLU A 95 0.28 23.64 -7.49
CA GLU A 95 0.19 24.91 -6.77
C GLU A 95 1.15 25.00 -5.59
N ALA A 96 1.34 23.90 -4.87
CA ALA A 96 2.27 23.86 -3.73
C ALA A 96 3.72 23.95 -4.17
N SER A 97 4.02 23.44 -5.36
CA SER A 97 5.38 23.49 -5.92
C SER A 97 5.75 24.88 -6.41
N ASN A 98 7.01 25.01 -6.78
CA ASN A 98 7.47 26.22 -7.48
C ASN A 98 7.62 25.96 -8.96
N ALA A 99 6.91 24.96 -9.48
CA ALA A 99 6.99 24.67 -10.91
C ALA A 99 6.37 25.83 -11.71
N GLN A 100 6.98 26.15 -12.84
CA GLN A 100 6.55 27.20 -13.71
C GLN A 100 5.53 26.75 -14.78
N TYR A 101 5.47 25.46 -15.02
CA TYR A 101 4.73 24.86 -16.10
C TYR A 101 3.96 23.65 -15.61
N PHE A 102 2.67 23.61 -16.00
CA PHE A 102 1.77 22.49 -15.72
C PHE A 102 1.14 22.06 -17.06
N VAL A 103 1.41 20.85 -17.51
CA VAL A 103 0.87 20.33 -18.73
C VAL A 103 -0.08 19.19 -18.37
N VAL A 104 -1.35 19.40 -18.69
CA VAL A 104 -2.41 18.46 -18.35
C VAL A 104 -2.82 17.68 -19.60
N ASP A 105 -2.55 16.36 -19.59
CA ASP A 105 -3.04 15.48 -20.63
C ASP A 105 -4.32 14.88 -20.08
N PRO A 106 -5.47 15.31 -20.59
CA PRO A 106 -6.75 15.00 -19.93
C PRO A 106 -7.30 13.66 -20.33
N VAL A 107 -6.58 12.60 -20.02
CA VAL A 107 -6.88 11.31 -20.56
C VAL A 107 -8.20 10.79 -20.04
N MET A 108 -9.03 10.36 -20.98
CA MET A 108 -10.30 9.75 -20.68
C MET A 108 -10.42 8.38 -21.35
N VAL A 109 -11.00 7.42 -20.65
CA VAL A 109 -11.34 6.13 -21.29
C VAL A 109 -12.81 6.24 -21.69
N CYS A 110 -13.16 5.86 -22.92
CA CYS A 110 -14.55 6.00 -23.39
C CYS A 110 -15.41 4.71 -23.33
N LYS A 111 -16.73 4.91 -23.41
CA LYS A 111 -17.72 3.83 -23.50
C LYS A 111 -18.76 4.15 -24.57
N GLU A 115 -19.93 9.26 -25.15
CA GLU A 115 -19.97 8.77 -23.76
C GLU A 115 -18.58 8.44 -23.18
N VAL A 116 -18.30 8.95 -21.98
CA VAL A 116 -17.08 8.60 -21.23
C VAL A 116 -17.41 7.57 -20.14
N LEU A 117 -16.44 6.70 -19.83
CA LEU A 117 -16.55 5.74 -18.75
C LEU A 117 -16.90 6.43 -17.41
N ASN A 118 -16.07 7.39 -16.99
CA ASN A 118 -16.26 8.11 -15.71
C ASN A 118 -16.53 9.62 -15.91
N PRO A 119 -17.78 10.03 -16.19
CA PRO A 119 -18.11 11.46 -16.44
C PRO A 119 -17.67 12.40 -15.30
N GLY A 120 -17.66 11.88 -14.07
CA GLY A 120 -17.20 12.65 -12.92
C GLY A 120 -15.75 13.07 -13.02
N ASN A 121 -14.91 12.24 -13.65
CA ASN A 121 -13.51 12.63 -13.85
C ASN A 121 -13.39 13.83 -14.80
N THR A 122 -14.30 13.93 -15.79
CA THR A 122 -14.28 15.07 -16.71
C THR A 122 -14.59 16.35 -15.94
N GLU A 123 -15.63 16.30 -15.13
CA GLU A 123 -16.00 17.41 -14.28
C GLU A 123 -14.86 17.85 -13.34
N ALA A 124 -14.15 16.88 -12.76
CA ALA A 124 -13.01 17.19 -11.87
C ALA A 124 -11.87 17.83 -12.65
N MET A 125 -11.63 17.38 -13.86
CA MET A 125 -10.57 18.00 -14.67
C MET A 125 -10.89 19.45 -14.96
N ILE A 126 -12.14 19.68 -15.34
CA ILE A 126 -12.63 21.03 -15.61
C ILE A 126 -12.47 21.96 -14.39
N LYS A 127 -12.83 21.44 -13.22
CA LYS A 127 -12.89 22.22 -11.99
C LYS A 127 -11.49 22.43 -11.40
N TYR A 128 -10.63 21.40 -11.42
CA TYR A 128 -9.37 21.44 -10.68
C TYR A 128 -8.13 21.60 -11.53
N LEU A 129 -8.15 21.09 -12.75
CA LEU A 129 -6.93 21.14 -13.60
C LEU A 129 -6.89 22.25 -14.64
N LEU A 130 -7.98 22.43 -15.37
CA LEU A 130 -8.01 23.43 -16.45
C LEU A 130 -7.58 24.80 -15.99
N PRO A 131 -8.08 25.27 -14.83
CA PRO A 131 -7.71 26.63 -14.40
C PRO A 131 -6.26 26.80 -13.99
N LYS A 132 -5.54 25.69 -13.84
CA LYS A 132 -4.10 25.70 -13.49
C LYS A 132 -3.17 25.40 -14.66
N ALA A 133 -3.73 24.89 -15.75
CA ALA A 133 -2.91 24.36 -16.84
C ALA A 133 -2.23 25.43 -17.64
N THR A 134 -0.93 25.25 -17.85
CA THR A 134 -0.19 26.05 -18.81
C THR A 134 -0.66 25.64 -20.20
N VAL A 135 -0.68 24.34 -20.44
CA VAL A 135 -1.16 23.74 -21.68
C VAL A 135 -2.00 22.56 -21.28
N VAL A 136 -3.15 22.41 -21.94
CA VAL A 136 -3.96 21.19 -21.87
C VAL A 136 -3.97 20.59 -23.27
N THR A 137 -3.86 19.26 -23.30
CA THR A 137 -3.57 18.52 -24.55
C THR A 137 -4.62 17.44 -24.90
N PRO A 138 -5.91 17.81 -24.99
CA PRO A 138 -6.91 16.77 -25.28
C PRO A 138 -6.77 16.21 -26.69
N ASN A 139 -7.03 14.93 -26.83
CA ASN A 139 -7.33 14.38 -28.14
C ASN A 139 -8.75 14.80 -28.59
N LEU A 140 -9.14 14.38 -29.79
CA LEU A 140 -10.35 14.91 -30.38
C LEU A 140 -11.55 14.56 -29.52
N PHE A 141 -11.54 13.34 -28.98
CA PHE A 141 -12.64 12.87 -28.14
C PHE A 141 -12.69 13.66 -26.84
N GLU A 142 -11.55 13.78 -26.20
CA GLU A 142 -11.47 14.48 -24.91
C GLU A 142 -11.88 15.94 -25.02
N ALA A 143 -11.52 16.57 -26.14
CA ALA A 143 -11.85 17.99 -26.33
C ALA A 143 -13.37 18.22 -26.43
N GLY A 144 -14.06 17.28 -27.07
CA GLY A 144 -15.52 17.30 -27.12
C GLY A 144 -16.14 17.17 -25.75
N GLN A 145 -15.52 16.32 -24.93
CA GLN A 145 -15.97 16.11 -23.56
C GLN A 145 -15.74 17.33 -22.65
N LEU A 146 -14.54 17.86 -22.69
CA LEU A 146 -14.20 19.03 -21.89
C LEU A 146 -14.98 20.26 -22.29
N SER A 147 -15.26 20.42 -23.58
CA SER A 147 -16.05 21.56 -24.10
C SER A 147 -17.55 21.41 -23.96
N GLY A 148 -18.04 20.21 -23.67
CA GLY A 148 -19.45 19.95 -23.70
C GLY A 148 -20.11 19.94 -25.07
N LEU A 149 -19.33 19.93 -26.14
CA LEU A 149 -19.87 19.94 -27.51
C LEU A 149 -20.15 18.56 -28.07
N GLY A 150 -19.67 17.54 -27.41
CA GLY A 150 -19.80 16.17 -27.91
C GLY A 150 -18.80 15.98 -29.05
N LYS A 151 -19.21 15.25 -30.08
CA LYS A 151 -18.25 14.82 -31.09
C LYS A 151 -17.85 15.97 -32.02
N LEU A 152 -16.55 16.11 -32.22
CA LEU A 152 -15.93 17.15 -33.08
C LEU A 152 -15.47 16.44 -34.34
N ASN A 153 -15.78 17.03 -35.48
CA ASN A 153 -15.55 16.43 -36.80
C ASN A 153 -14.78 17.28 -37.78
N SER A 154 -14.31 18.46 -37.35
CA SER A 154 -13.76 19.46 -38.27
C SER A 154 -12.89 20.44 -37.52
N ILE A 155 -12.01 21.14 -38.26
CA ILE A 155 -11.25 22.23 -37.68
C ILE A 155 -12.17 23.27 -37.00
N GLU A 156 -13.27 23.61 -37.65
CA GLU A 156 -14.21 24.59 -37.09
C GLU A 156 -14.78 24.13 -35.74
N ASP A 157 -15.09 22.85 -35.62
CA ASP A 157 -15.54 22.27 -34.36
C ASP A 157 -14.44 22.39 -33.34
N MET A 158 -13.20 22.17 -33.79
CA MET A 158 -12.05 22.21 -32.89
C MET A 158 -11.82 23.64 -32.41
N LYS A 159 -12.03 24.64 -33.27
CA LYS A 159 -11.90 26.04 -32.86
C LYS A 159 -12.92 26.34 -31.74
N LYS A 160 -14.15 25.87 -31.95
CA LYS A 160 -15.20 26.15 -30.99
C LYS A 160 -14.84 25.51 -29.63
N ALA A 161 -14.40 24.27 -29.67
CA ALA A 161 -14.00 23.53 -28.46
C ALA A 161 -12.80 24.22 -27.76
N ALA A 162 -11.84 24.71 -28.54
CA ALA A 162 -10.66 25.34 -27.97
C ALA A 162 -11.03 26.62 -27.24
N THR A 163 -11.97 27.43 -27.77
CA THR A 163 -12.35 28.68 -27.07
C THR A 163 -13.01 28.34 -25.72
N ILE A 164 -13.87 27.33 -25.74
CA ILE A 164 -14.55 26.89 -24.51
C ILE A 164 -13.58 26.41 -23.46
N ILE A 165 -12.65 25.57 -23.87
CA ILE A 165 -11.61 25.07 -22.97
C ILE A 165 -10.73 26.20 -22.42
N PHE A 166 -10.32 27.13 -23.28
CA PHE A 166 -9.54 28.31 -22.86
C PHE A 166 -10.33 29.13 -21.83
N ASP A 167 -11.62 29.31 -22.12
CA ASP A 167 -12.48 30.10 -21.22
C ASP A 167 -12.68 29.42 -19.87
N LYS A 168 -12.53 28.09 -19.84
CA LYS A 168 -12.54 27.33 -18.56
C LYS A 168 -11.22 27.54 -17.75
N GLY A 169 -10.24 28.23 -18.35
CA GLY A 169 -9.04 28.67 -17.62
C GLY A 169 -7.69 28.17 -18.10
N ALA A 170 -7.67 27.23 -19.04
CA ALA A 170 -6.40 26.77 -19.58
C ALA A 170 -5.71 27.91 -20.36
N GLN A 171 -4.41 28.11 -20.16
CA GLN A 171 -3.73 29.25 -20.78
C GLN A 171 -3.50 29.01 -22.27
N HIS A 172 -3.32 27.74 -22.61
CA HIS A 172 -3.05 27.28 -23.95
C HIS A 172 -3.74 25.93 -24.14
N VAL A 173 -4.30 25.76 -25.31
CA VAL A 173 -5.01 24.53 -25.66
C VAL A 173 -4.45 23.99 -26.94
N ILE A 174 -4.16 22.69 -26.95
CA ILE A 174 -3.90 21.98 -28.20
C ILE A 174 -4.83 20.79 -28.31
N ILE A 175 -5.68 20.83 -29.33
CA ILE A 175 -6.61 19.75 -29.62
C ILE A 175 -6.03 18.94 -30.74
N LYS A 176 -5.75 17.69 -30.47
CA LYS A 176 -5.15 16.84 -31.47
C LYS A 176 -6.21 16.22 -32.34
N GLY A 177 -6.03 16.34 -33.64
CA GLY A 177 -6.91 15.72 -34.62
C GLY A 177 -6.32 14.42 -35.06
N GLY A 178 -5.24 14.49 -35.82
CA GLY A 178 -4.49 13.31 -36.20
C GLY A 178 -5.34 12.29 -36.90
N LYS A 179 -5.18 11.02 -36.54
CA LYS A 179 -5.90 9.99 -37.29
C LYS A 179 -7.39 10.04 -36.94
N ALA A 180 -7.74 10.60 -35.78
CA ALA A 180 -9.15 10.62 -35.36
C ALA A 180 -9.96 11.55 -36.25
N LEU A 181 -9.29 12.57 -36.79
CA LEU A 181 -9.97 13.53 -37.65
C LEU A 181 -10.17 12.99 -39.08
N ASP A 182 -9.40 11.95 -39.41
CA ASP A 182 -9.64 11.13 -40.62
C ASP A 182 -9.60 12.00 -41.88
N GLN A 183 -8.49 12.72 -42.00
CA GLN A 183 -8.16 13.56 -43.17
CA GLN A 183 -8.22 13.52 -43.21
C GLN A 183 -6.90 13.01 -43.81
N ASP A 184 -6.52 13.51 -44.97
CA ASP A 184 -5.31 13.01 -45.67
C ASP A 184 -4.00 13.40 -45.00
N LYS A 185 -4.06 14.46 -44.20
CA LYS A 185 -2.92 14.90 -43.41
C LYS A 185 -3.35 14.90 -41.94
N SER A 186 -2.35 15.01 -41.08
CA SER A 186 -2.49 15.00 -39.66
C SER A 186 -2.55 16.41 -39.13
N TYR A 187 -3.76 16.83 -38.72
CA TYR A 187 -3.97 18.17 -38.22
C TYR A 187 -4.21 18.23 -36.72
N ASP A 188 -3.58 19.20 -36.05
CA ASP A 188 -3.87 19.56 -34.68
C ASP A 188 -4.16 21.04 -34.63
N LEU A 189 -4.89 21.48 -33.62
CA LEU A 189 -5.27 22.88 -33.47
C LEU A 189 -4.83 23.44 -32.14
N TYR A 190 -4.00 24.48 -32.21
CA TYR A 190 -3.49 25.21 -31.05
C TYR A 190 -4.18 26.54 -30.93
N TYR A 191 -4.45 26.93 -29.70
CA TYR A 191 -5.12 28.21 -29.38
C TYR A 191 -4.53 28.80 -28.11
N ASP A 192 -4.29 30.10 -28.13
CA ASP A 192 -3.72 30.85 -27.03
C ASP A 192 -4.64 31.95 -26.51
N GLY A 193 -5.90 31.92 -26.93
CA GLY A 193 -6.84 33.02 -26.58
C GLY A 193 -6.94 34.15 -27.60
N GLN A 194 -6.05 34.11 -28.58
CA GLN A 194 -5.89 35.20 -29.54
C GLN A 194 -5.85 34.67 -30.99
N THR A 195 -5.09 33.61 -31.23
CA THR A 195 -4.93 33.01 -32.58
C THR A 195 -5.13 31.51 -32.57
N PHE A 196 -5.91 31.05 -33.57
CA PHE A 196 -6.05 29.64 -33.90
C PHE A 196 -4.98 29.25 -34.90
N TYR A 197 -4.12 28.30 -34.50
CA TYR A 197 -3.09 27.77 -35.38
C TYR A 197 -3.34 26.31 -35.71
N GLN A 198 -3.35 26.02 -37.00
CA GLN A 198 -3.41 24.66 -37.46
C GLN A 198 -2.00 24.15 -37.63
N LEU A 199 -1.71 22.98 -37.04
CA LEU A 199 -0.40 22.35 -37.16
C LEU A 199 -0.58 21.10 -38.00
N THR A 200 0.30 20.90 -38.97
CA THR A 200 0.12 19.84 -39.95
C THR A 200 1.41 19.05 -40.15
N THR A 201 1.28 17.72 -40.16
CA THR A 201 2.26 16.82 -40.79
C THR A 201 1.54 15.89 -41.72
N ASP A 202 2.29 15.13 -42.49
CA ASP A 202 1.67 14.03 -43.19
C ASP A 202 1.04 13.07 -42.18
N MET A 203 0.13 12.25 -42.68
CA MET A 203 -0.33 11.06 -41.98
C MET A 203 0.71 9.98 -42.16
N PHE A 204 0.98 9.28 -41.06
CA PHE A 204 1.86 8.14 -41.07
C PHE A 204 1.09 6.87 -40.73
N GLN A 205 1.77 5.74 -40.82
CA GLN A 205 1.12 4.45 -40.54
C GLN A 205 0.38 4.49 -39.19
N GLN A 206 -0.77 3.84 -39.13
CA GLN A 206 -1.64 3.87 -37.95
C GLN A 206 -1.60 2.60 -37.11
N SER A 207 -0.88 1.59 -37.57
CA SER A 207 -0.91 0.29 -36.88
C SER A 207 -0.19 0.32 -35.54
N TYR A 208 0.97 0.98 -35.52
CA TYR A 208 1.85 0.97 -34.35
C TYR A 208 2.01 2.40 -33.83
N ASN A 209 1.00 2.86 -33.08
CA ASN A 209 0.96 4.26 -32.58
C ASN A 209 0.77 4.29 -31.05
N HIS A 210 1.02 3.19 -30.36
CA HIS A 210 0.82 3.15 -28.94
C HIS A 210 1.80 4.09 -28.25
N GLY A 211 1.26 4.94 -27.40
CA GLY A 211 2.04 5.94 -26.71
C GLY A 211 2.16 7.30 -27.40
N ALA A 212 1.52 7.48 -28.55
CA ALA A 212 1.60 8.77 -29.23
C ALA A 212 1.12 9.92 -28.38
N GLY A 213 -0.02 9.75 -27.70
CA GLY A 213 -0.59 10.84 -26.94
C GLY A 213 0.28 11.18 -25.74
N CYS A 214 0.71 10.14 -25.00
CA CYS A 214 1.56 10.39 -23.84
C CYS A 214 2.85 11.09 -24.25
N THR A 215 3.46 10.60 -25.32
CA THR A 215 4.72 11.16 -25.85
C THR A 215 4.57 12.60 -26.28
N PHE A 216 3.46 12.93 -26.93
CA PHE A 216 3.17 14.31 -27.27
C PHE A 216 3.14 15.24 -26.06
N ALA A 217 2.39 14.86 -25.02
CA ALA A 217 2.31 15.69 -23.83
C ALA A 217 3.67 15.76 -23.10
N ALA A 218 4.36 14.62 -23.03
CA ALA A 218 5.67 14.60 -22.38
C ALA A 218 6.64 15.55 -23.10
N ALA A 219 6.64 15.51 -24.43
CA ALA A 219 7.54 16.35 -25.22
C ALA A 219 7.18 17.81 -25.02
N THR A 220 5.88 18.13 -25.04
CA THR A 220 5.47 19.48 -24.78
C THR A 220 6.03 19.97 -23.45
N THR A 221 5.94 19.14 -22.41
CA THR A 221 6.40 19.53 -21.08
C THR A 221 7.91 19.82 -21.09
N ALA A 222 8.68 18.92 -21.69
CA ALA A 222 10.16 19.07 -21.70
C ALA A 222 10.57 20.26 -22.54
N TYR A 223 9.89 20.47 -23.66
CA TYR A 223 10.21 21.66 -24.52
C TYR A 223 9.92 22.98 -23.77
N LEU A 224 8.80 23.03 -23.02
CA LEU A 224 8.53 24.17 -22.18
C LEU A 224 9.59 24.36 -21.12
N ALA A 225 9.92 23.29 -20.42
CA ALA A 225 10.86 23.35 -19.33
C ALA A 225 12.19 23.91 -19.82
N ASN A 226 12.56 23.57 -21.06
CA ASN A 226 13.87 23.97 -21.62
C ASN A 226 13.82 25.32 -22.34
N GLY A 227 12.67 25.98 -22.33
CA GLY A 227 12.59 27.38 -22.69
C GLY A 227 11.75 27.80 -23.87
N LYS A 228 11.14 26.84 -24.55
CA LYS A 228 10.23 27.20 -25.64
C LYS A 228 8.94 27.83 -25.11
N SER A 229 8.39 28.78 -25.87
CA SER A 229 7.05 29.24 -25.62
C SER A 229 6.05 28.09 -25.74
N PRO A 230 4.88 28.19 -25.10
CA PRO A 230 3.89 27.15 -25.33
C PRO A 230 3.59 26.83 -26.79
N LYS A 231 3.47 27.85 -27.61
CA LYS A 231 3.22 27.62 -29.03
C LYS A 231 4.35 26.81 -29.66
N GLU A 232 5.57 27.25 -29.45
CA GLU A 232 6.69 26.55 -30.06
C GLU A 232 6.96 25.18 -29.44
N ALA A 233 6.59 25.03 -28.18
CA ALA A 233 6.73 23.74 -27.49
C ALA A 233 5.77 22.72 -28.13
N VAL A 234 4.53 23.13 -28.45
CA VAL A 234 3.56 22.23 -29.09
CA VAL A 234 3.60 22.16 -29.07
C VAL A 234 3.95 21.89 -30.54
N ILE A 235 4.48 22.88 -31.24
CA ILE A 235 4.96 22.65 -32.59
C ILE A 235 6.11 21.62 -32.60
N SER A 236 7.06 21.82 -31.70
CA SER A 236 8.17 20.90 -31.53
C SER A 236 7.70 19.52 -31.07
N ALA A 237 6.72 19.48 -30.17
CA ALA A 237 6.20 18.18 -29.73
C ALA A 237 5.54 17.43 -30.87
N LYS A 238 4.82 18.15 -31.75
CA LYS A 238 4.20 17.44 -32.87
C LYS A 238 5.27 16.81 -33.79
N ALA A 239 6.34 17.55 -34.06
CA ALA A 239 7.45 17.00 -34.88
C ALA A 239 8.06 15.78 -34.22
N PHE A 240 8.25 15.88 -32.91
CA PHE A 240 8.87 14.83 -32.12
C PHE A 240 8.05 13.56 -32.17
N VAL A 241 6.74 13.69 -31.90
CA VAL A 241 5.87 12.56 -31.95
C VAL A 241 5.63 11.98 -33.35
N ALA A 242 5.60 12.88 -34.35
CA ALA A 242 5.42 12.46 -35.73
C ALA A 242 6.54 11.52 -36.11
N SER A 243 7.79 11.81 -35.72
CA SER A 243 8.88 10.90 -36.04
C SER A 243 8.72 9.56 -35.31
N ALA A 244 8.31 9.64 -34.05
CA ALA A 244 8.13 8.46 -33.23
C ALA A 244 7.04 7.55 -33.86
N ILE A 245 5.96 8.19 -34.34
CA ILE A 245 4.87 7.45 -34.98
C ILE A 245 5.33 6.84 -36.31
N LYS A 246 5.92 7.65 -37.16
CA LYS A 246 6.43 7.15 -38.44
CA LYS A 246 6.42 7.15 -38.43
C LYS A 246 7.29 5.90 -38.23
N ASN A 247 8.08 5.90 -37.15
CA ASN A 247 9.01 4.82 -36.85
C ASN A 247 8.54 3.83 -35.79
N GLY A 248 7.23 3.76 -35.60
CA GLY A 248 6.67 2.75 -34.70
C GLY A 248 6.89 1.33 -35.20
N TRP A 249 6.78 0.36 -34.29
CA TRP A 249 7.14 -1.00 -34.58
C TRP A 249 6.19 -1.98 -33.94
N LYS A 250 6.08 -3.19 -34.53
CA LYS A 250 5.14 -4.20 -34.11
C LYS A 250 5.59 -4.98 -32.88
N MET A 251 4.80 -4.88 -31.82
CA MET A 251 5.08 -5.59 -30.57
C MET A 251 4.42 -6.99 -30.56
N ASN A 252 3.20 -7.06 -31.08
CA ASN A 252 2.47 -8.32 -31.15
C ASN A 252 1.32 -8.04 -32.05
N ASP A 253 0.39 -8.98 -32.11
CA ASP A 253 -0.74 -8.83 -33.01
C ASP A 253 -1.74 -7.76 -32.59
N PHE A 254 -1.58 -7.17 -31.42
CA PHE A 254 -2.56 -6.20 -30.90
C PHE A 254 -2.08 -4.75 -30.88
N VAL A 255 -0.78 -4.57 -30.80
CA VAL A 255 -0.22 -3.28 -30.52
C VAL A 255 1.20 -3.13 -31.06
N GLY A 256 1.60 -1.88 -31.17
CA GLY A 256 2.99 -1.57 -31.41
C GLY A 256 3.28 -0.15 -30.96
N PRO A 257 4.39 0.07 -30.28
CA PRO A 257 4.69 1.42 -29.73
C PRO A 257 5.35 2.33 -30.75
N VAL A 258 5.17 3.63 -30.52
CA VAL A 258 5.95 4.64 -31.16
C VAL A 258 7.42 4.50 -30.72
N ASP A 259 8.33 4.94 -31.57
CA ASP A 259 9.75 4.92 -31.21
C ASP A 259 10.12 6.28 -30.67
N HIS A 260 10.16 6.38 -29.33
CA HIS A 260 10.32 7.65 -28.66
C HIS A 260 11.61 8.34 -29.06
N GLY A 261 12.64 7.56 -29.37
CA GLY A 261 13.91 8.14 -29.74
C GLY A 261 14.10 8.43 -31.22
N ALA A 262 13.06 8.32 -32.04
CA ALA A 262 13.20 8.46 -33.47
C ALA A 262 13.57 9.86 -33.92
N TYR A 263 13.04 10.87 -33.26
CA TYR A 263 13.32 12.25 -33.65
C TYR A 263 14.81 12.51 -33.59
N ASN A 264 15.48 12.02 -32.55
CA ASN A 264 16.92 12.23 -32.45
C ASN A 264 17.77 11.23 -33.24
N ARG A 265 17.33 9.99 -33.31
CA ARG A 265 18.15 8.92 -33.87
CA ARG A 265 18.13 8.91 -33.87
C ARG A 265 17.91 8.71 -35.36
N ILE A 266 16.69 8.98 -35.84
CA ILE A 266 16.29 8.59 -37.19
C ILE A 266 16.04 9.81 -38.09
N GLU A 267 15.11 10.69 -37.72
CA GLU A 267 14.76 11.78 -38.58
C GLU A 267 13.88 12.81 -37.86
N HIS A 268 14.03 14.08 -38.23
CA HIS A 268 13.01 15.08 -37.97
C HIS A 268 11.84 14.95 -38.96
N ILE A 269 10.70 15.52 -38.60
CA ILE A 269 9.53 15.64 -39.48
C ILE A 269 9.11 17.12 -39.50
N ASP A 270 8.89 17.66 -40.69
CA ASP A 270 8.45 19.03 -40.93
C ASP A 270 7.01 19.22 -40.42
N VAL A 271 6.77 20.26 -39.64
CA VAL A 271 5.41 20.69 -39.26
C VAL A 271 5.08 22.02 -39.92
N GLU A 272 3.96 22.05 -40.64
CA GLU A 272 3.46 23.28 -41.26
C GLU A 272 2.50 23.96 -40.27
N VAL A 273 2.64 25.25 -40.13
CA VAL A 273 1.88 26.04 -39.20
C VAL A 273 1.16 27.15 -40.00
N THR A 274 -0.16 27.26 -39.83
CA THR A 274 -0.95 28.32 -40.46
C THR A 274 -2.05 28.79 -39.52
N GLU A 275 -2.37 30.06 -39.65
CA GLU A 275 -3.42 30.72 -38.90
C GLU A 275 -4.71 30.32 -39.60
N VAL A 276 -5.67 29.80 -38.81
CA VAL A 276 -6.98 29.37 -39.34
C VAL A 276 -8.17 30.01 -38.64
N GLY B 1 0.51 15.29 17.70
CA GLY B 1 0.04 14.29 16.69
C GLY B 1 -0.38 12.94 17.27
N ALA B 2 -0.84 12.92 18.53
CA ALA B 2 -1.26 11.66 19.18
C ALA B 2 -2.43 11.06 18.44
N LEU B 3 -2.52 9.74 18.42
CA LEU B 3 -3.73 9.09 17.87
C LEU B 3 -4.99 9.57 18.59
N LYS B 4 -6.03 9.81 17.79
CA LYS B 4 -7.32 10.14 18.37
CA LYS B 4 -7.33 10.14 18.35
C LYS B 4 -7.92 8.88 18.93
N LYS B 5 -8.51 9.02 20.10
CA LYS B 5 -9.13 7.92 20.83
C LYS B 5 -10.60 7.87 20.48
N VAL B 6 -11.05 6.74 19.93
CA VAL B 6 -12.42 6.60 19.41
C VAL B 6 -13.07 5.39 20.07
N LEU B 7 -14.15 5.64 20.79
CA LEU B 7 -14.86 4.64 21.53
C LEU B 7 -16.14 4.24 20.79
N THR B 8 -16.39 2.95 20.68
CA THR B 8 -17.69 2.47 20.29
C THR B 8 -18.38 1.80 21.44
N ILE B 9 -19.66 2.08 21.56
CA ILE B 9 -20.56 1.38 22.51
C ILE B 9 -21.42 0.46 21.64
N ALA B 10 -21.15 -0.85 21.72
CA ALA B 10 -21.66 -1.78 20.75
C ALA B 10 -21.54 -3.21 21.23
N GLY B 11 -22.23 -4.12 20.55
CA GLY B 11 -22.09 -5.52 20.81
C GLY B 11 -21.14 -6.23 19.89
N SER B 12 -20.81 -7.44 20.33
CA SER B 12 -19.98 -8.34 19.57
C SER B 12 -20.76 -9.12 18.53
N ASP B 13 -20.37 -8.98 17.27
CA ASP B 13 -20.88 -9.82 16.16
C ASP B 13 -19.88 -10.94 16.02
N THR B 14 -20.21 -12.15 16.49
CA THR B 14 -19.16 -13.17 16.49
C THR B 14 -18.61 -13.44 15.07
N SER B 15 -19.49 -13.30 14.05
CA SER B 15 -19.06 -13.51 12.66
C SER B 15 -18.00 -12.50 12.20
N ALA B 16 -17.90 -11.37 12.91
CA ALA B 16 -16.79 -10.37 12.84
C ALA B 16 -16.81 -9.40 11.67
N GLY B 17 -17.96 -9.29 11.00
CA GLY B 17 -18.13 -8.39 9.91
C GLY B 17 -18.81 -7.10 10.26
N ALA B 18 -19.63 -7.13 11.31
CA ALA B 18 -20.40 -6.00 11.80
C ALA B 18 -20.10 -5.79 13.27
N GLY B 19 -20.95 -5.08 13.95
CA GLY B 19 -20.80 -4.86 15.40
C GLY B 19 -19.49 -4.18 15.73
N MET B 20 -19.03 -4.45 16.94
CA MET B 20 -17.81 -3.84 17.45
C MET B 20 -16.59 -4.25 16.67
N GLN B 21 -16.66 -5.43 16.04
CA GLN B 21 -15.57 -5.89 15.20
C GLN B 21 -15.37 -4.96 14.00
N ALA B 22 -16.46 -4.68 13.28
CA ALA B 22 -16.38 -3.73 12.20
C ALA B 22 -15.86 -2.39 12.67
N ASP B 23 -16.35 -1.96 13.84
CA ASP B 23 -15.92 -0.67 14.41
C ASP B 23 -14.41 -0.64 14.66
N LEU B 24 -13.87 -1.60 15.41
CA LEU B 24 -12.46 -1.60 15.73
C LEU B 24 -11.62 -1.74 14.46
N LYS B 25 -12.07 -2.57 13.52
CA LYS B 25 -11.33 -2.73 12.27
C LYS B 25 -11.25 -1.42 11.49
N THR B 26 -12.40 -0.76 11.39
CA THR B 26 -12.51 0.50 10.68
C THR B 26 -11.69 1.61 11.34
N PHE B 27 -11.81 1.70 12.67
CA PHE B 27 -11.04 2.68 13.44
C PHE B 27 -9.54 2.46 13.17
N GLN B 28 -9.12 1.20 13.09
CA GLN B 28 -7.71 0.84 12.86
C GLN B 28 -7.26 1.25 11.46
N GLU B 29 -8.11 0.95 10.49
CA GLU B 29 -7.88 1.35 9.07
C GLU B 29 -7.72 2.86 8.91
N LEU B 30 -8.41 3.60 9.76
CA LEU B 30 -8.41 5.05 9.68
C LEU B 30 -7.51 5.72 10.72
N ASP B 31 -6.53 4.96 11.23
CA ASP B 31 -5.41 5.52 11.96
C ASP B 31 -5.88 6.27 13.18
N THR B 32 -6.83 5.62 13.89
CA THR B 32 -7.28 6.05 15.19
C THR B 32 -7.00 4.93 16.20
N TYR B 33 -7.12 5.27 17.48
CA TYR B 33 -6.99 4.32 18.58
C TYR B 33 -8.39 3.85 19.00
N GLY B 34 -8.77 2.68 18.51
CA GLY B 34 -10.09 2.17 18.74
C GLY B 34 -10.28 1.51 20.09
N MET B 35 -11.45 1.74 20.68
CA MET B 35 -11.83 1.17 21.95
CA MET B 35 -11.84 1.18 21.96
C MET B 35 -13.29 0.74 21.88
N VAL B 36 -13.67 -0.23 22.72
CA VAL B 36 -15.05 -0.70 22.80
C VAL B 36 -15.51 -0.85 24.25
N ALA B 37 -16.75 -0.42 24.49
CA ALA B 37 -17.53 -0.81 25.68
C ALA B 37 -18.62 -1.73 25.19
N LEU B 38 -18.45 -3.00 25.52
CA LEU B 38 -19.32 -4.07 25.03
C LEU B 38 -20.64 -4.11 25.76
N THR B 39 -21.73 -4.27 24.99
CA THR B 39 -23.08 -4.28 25.54
C THR B 39 -23.73 -5.67 25.54
N ALA B 40 -23.25 -6.53 24.67
CA ALA B 40 -23.91 -7.78 24.35
C ALA B 40 -22.96 -8.62 23.49
N ILE B 41 -23.26 -9.91 23.39
CA ILE B 41 -22.56 -10.84 22.48
C ILE B 41 -23.60 -11.54 21.63
N VAL B 42 -23.42 -11.46 20.31
CA VAL B 42 -24.32 -12.10 19.38
C VAL B 42 -23.61 -13.31 18.75
N THR B 43 -24.22 -14.47 18.89
CA THR B 43 -23.73 -15.70 18.31
C THR B 43 -24.75 -16.24 17.31
N MET B 44 -24.30 -17.17 16.48
CA MET B 44 -25.09 -17.72 15.43
C MET B 44 -25.01 -19.25 15.41
N ASP B 45 -26.17 -19.89 15.25
CA ASP B 45 -26.22 -21.34 15.27
C ASP B 45 -25.47 -21.94 14.08
N LYS B 46 -24.67 -22.99 14.34
CA LYS B 46 -23.77 -23.53 13.31
C LYS B 46 -24.52 -24.05 12.10
N ASP B 47 -25.75 -24.49 12.34
CA ASP B 47 -26.54 -25.14 11.30
C ASP B 47 -27.51 -24.20 10.58
N THR B 48 -28.21 -23.35 11.32
CA THR B 48 -29.22 -22.46 10.77
C THR B 48 -28.87 -20.97 10.76
N TRP B 49 -27.75 -20.59 11.42
CA TRP B 49 -27.35 -19.19 11.60
C TRP B 49 -28.32 -18.36 12.44
N SER B 50 -29.28 -19.00 13.11
CA SER B 50 -30.15 -18.26 14.02
CA SER B 50 -30.14 -18.25 14.02
C SER B 50 -29.32 -17.51 15.07
N HIS B 51 -29.69 -16.26 15.29
CA HIS B 51 -28.95 -15.39 16.18
C HIS B 51 -29.42 -15.55 17.63
N ASP B 52 -28.45 -15.54 18.52
CA ASP B 52 -28.72 -15.47 19.93
C ASP B 52 -28.01 -14.27 20.52
N VAL B 53 -28.77 -13.36 21.10
CA VAL B 53 -28.20 -12.14 21.69
C VAL B 53 -28.14 -12.28 23.20
N THR B 54 -26.95 -12.34 23.75
CA THR B 54 -26.76 -12.39 25.17
C THR B 54 -26.37 -11.00 25.68
N PRO B 55 -27.27 -10.37 26.43
CA PRO B 55 -26.92 -9.09 27.04
C PRO B 55 -25.83 -9.28 28.07
N LEU B 56 -24.97 -8.29 28.19
CA LEU B 56 -24.02 -8.25 29.28
C LEU B 56 -24.62 -7.51 30.44
N PRO B 57 -24.25 -7.92 31.66
CA PRO B 57 -24.85 -7.26 32.81
C PRO B 57 -24.44 -5.80 32.92
N MET B 58 -25.31 -5.00 33.49
CA MET B 58 -25.08 -3.58 33.62
CA MET B 58 -25.05 -3.60 33.61
C MET B 58 -23.82 -3.29 34.42
N ASP B 59 -23.55 -4.09 35.46
CA ASP B 59 -22.35 -3.85 36.25
C ASP B 59 -21.04 -3.94 35.42
N VAL B 60 -20.91 -4.93 34.55
CA VAL B 60 -19.70 -4.98 33.69
C VAL B 60 -19.73 -3.92 32.60
N PHE B 61 -20.92 -3.54 32.13
CA PHE B 61 -21.04 -2.39 31.23
C PHE B 61 -20.51 -1.14 31.89
N GLU B 62 -20.94 -0.90 33.14
CA GLU B 62 -20.52 0.28 33.86
C GLU B 62 -19.00 0.26 34.13
N LYS B 63 -18.44 -0.91 34.46
CA LYS B 63 -17.00 -0.99 34.70
C LYS B 63 -16.25 -0.62 33.41
N GLN B 64 -16.74 -1.06 32.27
CA GLN B 64 -16.09 -0.72 31.02
C GLN B 64 -16.15 0.75 30.71
N LEU B 65 -17.31 1.35 30.93
CA LEU B 65 -17.47 2.78 30.74
C LEU B 65 -16.53 3.57 31.62
N GLU B 66 -16.36 3.15 32.88
CA GLU B 66 -15.46 3.88 33.79
C GLU B 66 -14.05 3.92 33.17
N THR B 67 -13.56 2.77 32.75
CA THR B 67 -12.23 2.69 32.14
C THR B 67 -12.15 3.56 30.88
N ALA B 68 -13.13 3.43 29.99
CA ALA B 68 -13.12 4.18 28.76
C ALA B 68 -13.18 5.73 29.01
N LEU B 69 -14.04 6.17 29.92
CA LEU B 69 -14.16 7.58 30.28
C LEU B 69 -12.84 8.12 30.83
N SER B 70 -12.18 7.30 31.66
CA SER B 70 -10.89 7.68 32.26
C SER B 70 -9.84 7.93 31.17
N ILE B 71 -9.80 7.05 30.19
CA ILE B 71 -8.85 7.15 29.06
C ILE B 71 -9.11 8.46 28.29
N GLY B 72 -10.38 8.78 28.11
CA GLY B 72 -10.82 10.03 27.53
C GLY B 72 -10.95 9.97 26.02
N PRO B 73 -12.12 9.53 25.55
CA PRO B 73 -12.30 9.45 24.10
C PRO B 73 -12.41 10.84 23.44
N ASP B 74 -11.84 10.96 22.24
CA ASP B 74 -12.07 12.15 21.40
C ASP B 74 -13.39 12.08 20.61
N ALA B 75 -13.89 10.88 20.36
CA ALA B 75 -15.16 10.70 19.64
C ALA B 75 -15.79 9.42 20.14
N ILE B 76 -17.11 9.36 20.09
CA ILE B 76 -17.88 8.20 20.50
C ILE B 76 -18.91 7.86 19.44
N LYS B 77 -18.99 6.58 19.10
CA LYS B 77 -20.02 5.99 18.26
C LYS B 77 -20.91 5.10 19.14
N THR B 78 -22.22 5.14 18.89
CA THR B 78 -23.12 4.13 19.39
C THR B 78 -23.57 3.24 18.24
N GLY B 79 -23.54 1.94 18.50
CA GLY B 79 -24.11 0.93 17.60
C GLY B 79 -25.43 0.43 18.11
N MET B 80 -25.75 -0.79 17.78
CA MET B 80 -27.05 -1.33 18.11
C MET B 80 -27.00 -1.43 19.64
N LEU B 81 -27.93 -0.75 20.31
CA LEU B 81 -28.07 -0.73 21.76
C LEU B 81 -29.41 -1.43 22.09
N GLY B 82 -29.39 -2.34 23.05
CA GLY B 82 -30.53 -3.23 23.25
C GLY B 82 -31.66 -2.73 24.12
N THR B 83 -31.39 -1.80 25.02
CA THR B 83 -32.36 -1.42 26.02
C THR B 83 -32.40 0.09 26.15
N GLU B 84 -33.50 0.61 26.70
CA GLU B 84 -33.64 2.04 26.93
C GLU B 84 -32.61 2.51 27.96
N GLU B 85 -32.36 1.68 28.97
CA GLU B 85 -31.34 1.92 30.00
C GLU B 85 -29.93 2.24 29.39
N ILE B 86 -29.55 1.43 28.43
CA ILE B 86 -28.23 1.59 27.78
C ILE B 86 -28.23 2.79 26.87
N ILE B 87 -29.33 3.00 26.17
CA ILE B 87 -29.51 4.17 25.31
C ILE B 87 -29.32 5.44 26.13
N LYS B 88 -29.97 5.53 27.28
CA LYS B 88 -29.84 6.68 28.15
C LYS B 88 -28.38 6.84 28.66
N ARG B 89 -27.75 5.75 29.11
CA ARG B 89 -26.38 5.82 29.61
C ARG B 89 -25.40 6.27 28.53
N ALA B 90 -25.60 5.80 27.29
CA ALA B 90 -24.74 6.19 26.18
C ALA B 90 -24.69 7.70 25.98
N GLY B 91 -25.84 8.32 26.03
CA GLY B 91 -25.86 9.76 25.98
C GLY B 91 -25.16 10.42 27.13
N GLU B 92 -25.42 9.92 28.32
CA GLU B 92 -24.79 10.45 29.55
C GLU B 92 -23.26 10.37 29.51
N VAL B 93 -22.76 9.23 29.04
CA VAL B 93 -21.33 9.00 28.87
C VAL B 93 -20.72 10.04 27.93
N TYR B 94 -21.37 10.29 26.80
CA TYR B 94 -20.88 11.32 25.91
C TYR B 94 -20.80 12.67 26.59
N GLU B 95 -21.85 13.07 27.31
CA GLU B 95 -21.87 14.40 27.94
C GLU B 95 -20.79 14.47 29.03
N ALA B 96 -20.55 13.37 29.73
CA ALA B 96 -19.53 13.33 30.81
C ALA B 96 -18.09 13.37 30.28
N SER B 97 -17.91 12.93 29.05
CA SER B 97 -16.59 12.89 28.40
C SER B 97 -16.18 14.27 27.93
N ASN B 98 -14.92 14.42 27.54
CA ASN B 98 -14.55 15.60 26.75
C ASN B 98 -14.58 15.34 25.26
N ALA B 99 -15.34 14.31 24.83
CA ALA B 99 -15.40 14.03 23.42
C ALA B 99 -16.15 15.15 22.70
N GLN B 100 -15.67 15.48 21.51
CA GLN B 100 -16.24 16.56 20.72
C GLN B 100 -17.23 16.05 19.67
N TYR B 101 -17.22 14.74 19.44
CA TYR B 101 -18.01 14.11 18.38
C TYR B 101 -18.78 12.92 18.91
N PHE B 102 -20.07 12.86 18.51
CA PHE B 102 -20.98 11.76 18.87
C PHE B 102 -21.68 11.31 17.61
N VAL B 103 -21.47 10.05 17.19
CA VAL B 103 -22.12 9.52 16.01
C VAL B 103 -23.05 8.45 16.49
N VAL B 104 -24.34 8.64 16.19
CA VAL B 104 -25.37 7.71 16.60
C VAL B 104 -25.83 6.89 15.42
N ASP B 105 -25.58 5.56 15.43
CA ASP B 105 -26.11 4.64 14.41
C ASP B 105 -27.40 4.06 15.01
N PRO B 106 -28.58 4.47 14.51
CA PRO B 106 -29.83 4.19 15.25
C PRO B 106 -30.43 2.86 14.87
N VAL B 107 -29.68 1.83 15.18
CA VAL B 107 -29.99 0.54 14.64
C VAL B 107 -31.24 -0.01 15.27
N MET B 108 -32.13 -0.55 14.42
CA MET B 108 -33.42 -1.08 14.89
C MET B 108 -33.66 -2.49 14.34
N VAL B 109 -34.44 -3.29 15.05
CA VAL B 109 -34.83 -4.60 14.47
C VAL B 109 -36.17 -4.48 13.73
N CYS B 110 -36.15 -4.74 12.41
CA CYS B 110 -37.33 -4.54 11.52
C CYS B 110 -38.27 -5.75 11.45
N LYS B 111 -39.55 -5.57 11.79
CA LYS B 111 -40.61 -6.65 11.65
C LYS B 111 -41.63 -6.54 10.49
N GLY B 112 -41.55 -5.47 9.72
CA GLY B 112 -42.51 -5.24 8.63
C GLY B 112 -42.31 -3.85 8.10
N GLU B 113 -43.04 -3.52 7.03
CA GLU B 113 -43.00 -2.18 6.45
C GLU B 113 -43.70 -1.37 7.55
N ASP B 114 -42.89 -0.58 8.25
CA ASP B 114 -43.29 0.28 9.38
C ASP B 114 -43.31 -0.31 10.81
N GLU B 115 -42.77 -1.51 11.01
CA GLU B 115 -42.74 -2.16 12.36
C GLU B 115 -41.38 -2.62 13.02
N VAL B 116 -41.18 -2.26 14.30
CA VAL B 116 -40.04 -2.64 15.12
CA VAL B 116 -40.03 -2.67 15.13
C VAL B 116 -40.48 -3.52 16.33
N LEU B 117 -39.57 -4.18 17.02
CA LEU B 117 -39.91 -5.01 18.18
C LEU B 117 -40.49 -4.19 19.36
N ASN B 118 -39.85 -3.06 19.62
CA ASN B 118 -40.21 -2.22 20.76
C ASN B 118 -39.97 -0.78 20.38
N PRO B 119 -41.02 -0.08 19.98
CA PRO B 119 -40.91 1.33 19.63
C PRO B 119 -40.41 2.23 20.76
N GLY B 120 -40.52 1.76 22.00
CA GLY B 120 -39.90 2.48 23.11
C GLY B 120 -38.40 2.72 22.90
N ASN B 121 -37.71 1.80 22.21
CA ASN B 121 -36.28 2.05 21.97
C ASN B 121 -36.08 3.22 20.99
N THR B 122 -36.97 3.31 20.00
CA THR B 122 -36.92 4.40 19.07
C THR B 122 -37.18 5.71 19.79
N GLU B 123 -38.21 5.72 20.65
CA GLU B 123 -38.50 6.90 21.49
C GLU B 123 -37.30 7.29 22.37
N ALA B 124 -36.65 6.31 22.98
CA ALA B 124 -35.49 6.61 23.79
C ALA B 124 -34.35 7.21 22.97
N MET B 125 -34.14 6.69 21.76
CA MET B 125 -33.11 7.27 20.90
C MET B 125 -33.42 8.72 20.61
N ILE B 126 -34.68 8.99 20.31
CA ILE B 126 -35.10 10.35 19.99
C ILE B 126 -34.85 11.30 21.17
N LYS B 127 -35.23 10.84 22.35
CA LYS B 127 -35.14 11.62 23.57
C LYS B 127 -33.70 11.86 24.06
N TYR B 128 -32.89 10.81 24.04
CA TYR B 128 -31.58 10.82 24.70
C TYR B 128 -30.37 10.91 23.79
N LEU B 129 -30.50 10.45 22.55
CA LEU B 129 -29.33 10.40 21.65
C LEU B 129 -29.38 11.47 20.57
N LEU B 130 -30.50 11.60 19.83
CA LEU B 130 -30.60 12.58 18.73
CA LEU B 130 -30.55 12.56 18.72
C LEU B 130 -30.14 13.99 19.12
N PRO B 131 -30.61 14.50 20.29
CA PRO B 131 -30.20 15.88 20.58
C PRO B 131 -28.71 16.07 20.96
N LYS B 132 -27.97 14.97 21.14
CA LYS B 132 -26.54 15.02 21.45
C LYS B 132 -25.71 14.72 20.22
N ALA B 133 -26.36 14.17 19.18
CA ALA B 133 -25.63 13.66 18.02
C ALA B 133 -24.99 14.70 17.16
N THR B 134 -23.70 14.52 16.87
CA THR B 134 -23.06 15.27 15.82
C THR B 134 -23.66 14.82 14.46
N VAL B 135 -23.70 13.51 14.28
CA VAL B 135 -24.28 12.88 13.07
C VAL B 135 -25.11 11.69 13.50
N VAL B 136 -26.31 11.56 12.96
CA VAL B 136 -27.13 10.36 13.08
C VAL B 136 -27.21 9.69 11.70
N THR B 137 -27.09 8.37 11.68
CA THR B 137 -26.88 7.63 10.42
C THR B 137 -27.93 6.55 10.21
N PRO B 138 -29.22 6.90 10.12
CA PRO B 138 -30.24 5.85 9.85
C PRO B 138 -30.19 5.29 8.42
N ASN B 139 -30.46 4.02 8.29
CA ASN B 139 -30.83 3.46 7.02
C ASN B 139 -32.26 3.86 6.69
N LEU B 140 -32.71 3.47 5.50
CA LEU B 140 -33.96 3.97 5.02
C LEU B 140 -35.11 3.56 5.95
N PHE B 141 -35.08 2.32 6.43
CA PHE B 141 -36.09 1.85 7.37
C PHE B 141 -36.08 2.66 8.66
N GLU B 142 -34.90 2.82 9.24
CA GLU B 142 -34.70 3.52 10.50
C GLU B 142 -35.11 4.99 10.38
N ALA B 143 -34.84 5.59 9.26
CA ALA B 143 -35.25 6.98 9.05
C ALA B 143 -36.78 7.13 9.07
N GLY B 144 -37.48 6.16 8.52
CA GLY B 144 -38.93 6.16 8.58
C GLY B 144 -39.43 6.05 10.00
N GLN B 145 -38.74 5.26 10.82
CA GLN B 145 -39.11 5.13 12.21
C GLN B 145 -38.81 6.35 13.04
N LEU B 146 -37.63 6.91 12.88
CA LEU B 146 -37.28 8.10 13.63
C LEU B 146 -38.13 9.33 13.29
N SER B 147 -38.56 9.43 12.04
CA SER B 147 -39.34 10.56 11.54
C SER B 147 -40.83 10.34 11.76
N GLY B 148 -41.23 9.10 12.01
CA GLY B 148 -42.66 8.82 12.17
C GLY B 148 -43.42 8.75 10.86
N LEU B 149 -42.71 8.76 9.74
CA LEU B 149 -43.32 8.72 8.43
C LEU B 149 -43.59 7.34 7.87
N GLY B 150 -43.01 6.32 8.48
CA GLY B 150 -43.13 4.99 7.91
C GLY B 150 -42.29 4.80 6.67
N LYS B 151 -42.79 4.04 5.69
CA LYS B 151 -41.96 3.63 4.56
C LYS B 151 -41.56 4.81 3.69
N LEU B 152 -40.26 4.96 3.47
CA LEU B 152 -39.72 5.99 2.58
C LEU B 152 -39.33 5.32 1.26
N ASN B 153 -39.64 5.93 0.12
CA ASN B 153 -39.33 5.28 -1.16
CA ASN B 153 -39.50 5.33 -1.21
C ASN B 153 -38.79 6.20 -2.24
N SER B 154 -38.35 7.37 -1.83
CA SER B 154 -37.82 8.36 -2.77
C SER B 154 -36.89 9.35 -2.08
N ILE B 155 -36.11 10.05 -2.90
CA ILE B 155 -35.28 11.15 -2.39
C ILE B 155 -36.17 12.21 -1.69
N GLU B 156 -37.34 12.48 -2.24
CA GLU B 156 -38.23 13.45 -1.69
C GLU B 156 -38.69 13.02 -0.30
N ASP B 157 -39.01 11.73 -0.13
CA ASP B 157 -39.42 11.17 1.19
C ASP B 157 -38.23 11.31 2.18
N MET B 158 -37.02 11.05 1.70
CA MET B 158 -35.82 11.17 2.53
C MET B 158 -35.61 12.62 3.01
N LYS B 159 -35.86 13.59 2.14
CA LYS B 159 -35.77 14.99 2.52
C LYS B 159 -36.72 15.31 3.63
N LYS B 160 -37.95 14.81 3.55
CA LYS B 160 -38.94 15.04 4.60
CA LYS B 160 -38.94 15.06 4.59
C LYS B 160 -38.50 14.41 5.88
N ALA B 161 -38.05 13.15 5.80
CA ALA B 161 -37.58 12.48 7.02
C ALA B 161 -36.35 13.18 7.65
N ALA B 162 -35.43 13.67 6.81
CA ALA B 162 -34.22 14.33 7.29
C ALA B 162 -34.54 15.61 8.04
N THR B 163 -35.52 16.35 7.51
CA THR B 163 -35.97 17.58 8.18
C THR B 163 -36.45 17.25 9.59
N ILE B 164 -37.31 16.24 9.65
CA ILE B 164 -37.93 15.85 10.91
C ILE B 164 -36.90 15.39 11.93
N ILE B 165 -35.97 14.58 11.46
CA ILE B 165 -34.90 14.11 12.32
C ILE B 165 -33.97 15.22 12.81
N PHE B 166 -33.58 16.12 11.92
CA PHE B 166 -32.80 17.28 12.27
C PHE B 166 -33.52 18.07 13.35
N ASP B 167 -34.83 18.23 13.15
CA ASP B 167 -35.60 19.02 14.09
C ASP B 167 -35.73 18.38 15.49
N LYS B 168 -35.50 17.08 15.60
CA LYS B 168 -35.40 16.38 16.89
C LYS B 168 -34.07 16.63 17.58
N GLY B 169 -33.15 17.29 16.91
CA GLY B 169 -31.93 17.75 17.55
C GLY B 169 -30.56 17.28 16.99
N ALA B 170 -30.53 16.38 16.00
CA ALA B 170 -29.29 15.88 15.43
C ALA B 170 -28.76 17.01 14.57
N GLN B 171 -27.47 17.31 14.75
CA GLN B 171 -26.83 18.44 14.05
C GLN B 171 -26.70 18.18 12.58
N HIS B 172 -26.50 16.93 12.25
CA HIS B 172 -26.34 16.46 10.89
C HIS B 172 -27.02 15.12 10.74
N VAL B 173 -27.63 14.90 9.59
CA VAL B 173 -28.39 13.69 9.35
C VAL B 173 -27.94 13.09 7.99
N ILE B 174 -27.60 11.80 7.97
CA ILE B 174 -27.40 11.10 6.70
C ILE B 174 -28.38 9.92 6.68
N ILE B 175 -29.27 9.93 5.70
CA ILE B 175 -30.17 8.83 5.49
C ILE B 175 -29.62 8.02 4.35
N LYS B 176 -29.34 6.75 4.61
CA LYS B 176 -28.79 5.89 3.58
C LYS B 176 -29.92 5.22 2.78
N GLY B 177 -29.89 5.36 1.47
CA GLY B 177 -30.88 4.73 0.60
C GLY B 177 -30.34 3.41 0.22
N GLY B 178 -29.32 3.44 -0.62
CA GLY B 178 -28.64 2.23 -1.01
C GLY B 178 -29.54 1.29 -1.75
N LYS B 179 -29.41 0.00 -1.42
CA LYS B 179 -30.15 -1.08 -2.12
C LYS B 179 -31.62 -0.96 -1.89
N ALA B 180 -32.00 -0.32 -0.78
CA ALA B 180 -33.40 -0.19 -0.40
C ALA B 180 -34.17 0.81 -1.26
N LEU B 181 -33.45 1.68 -1.95
CA LEU B 181 -34.06 2.77 -2.68
C LEU B 181 -34.09 2.49 -4.17
N ASP B 182 -32.93 2.15 -4.73
CA ASP B 182 -32.73 2.09 -6.19
C ASP B 182 -31.65 1.05 -6.39
N GLN B 183 -31.63 0.45 -7.58
CA GLN B 183 -30.70 -0.66 -7.92
C GLN B 183 -29.62 -0.26 -8.94
N ASP B 184 -29.67 0.98 -9.42
CA ASP B 184 -28.78 1.45 -10.50
C ASP B 184 -27.66 2.30 -9.92
N LYS B 185 -27.98 3.18 -8.96
CA LYS B 185 -26.94 3.87 -8.24
C LYS B 185 -27.31 3.78 -6.78
N SER B 186 -26.32 3.96 -5.93
CA SER B 186 -26.52 3.96 -4.51
C SER B 186 -26.58 5.39 -3.99
N TYR B 187 -27.80 5.79 -3.61
CA TYR B 187 -28.08 7.15 -3.14
C TYR B 187 -28.23 7.22 -1.64
N ASP B 188 -27.55 8.19 -1.03
CA ASP B 188 -27.79 8.60 0.34
C ASP B 188 -28.12 10.09 0.36
N LEU B 189 -28.76 10.55 1.42
CA LEU B 189 -29.17 11.95 1.55
C LEU B 189 -28.61 12.54 2.83
N TYR B 190 -27.79 13.57 2.67
CA TYR B 190 -27.18 14.28 3.77
C TYR B 190 -27.87 15.64 3.96
N TYR B 191 -28.10 16.00 5.21
CA TYR B 191 -28.78 17.26 5.54
C TYR B 191 -28.14 17.88 6.77
N ASP B 192 -27.84 19.17 6.67
CA ASP B 192 -27.20 19.92 7.75
C ASP B 192 -28.08 21.00 8.35
N GLY B 193 -29.38 20.93 8.06
CA GLY B 193 -30.34 21.94 8.56
C GLY B 193 -30.56 23.09 7.59
N GLN B 194 -29.77 23.12 6.52
CA GLN B 194 -29.84 24.23 5.60
C GLN B 194 -29.86 23.79 4.13
N THR B 195 -29.10 22.76 3.80
CA THR B 195 -29.01 22.28 2.44
C THR B 195 -29.12 20.75 2.41
N PHE B 196 -29.82 20.22 1.40
CA PHE B 196 -29.94 18.79 1.20
C PHE B 196 -28.97 18.40 0.10
N TYR B 197 -28.13 17.40 0.40
CA TYR B 197 -27.16 16.91 -0.52
C TYR B 197 -27.35 15.43 -0.82
N GLN B 198 -27.54 15.11 -2.09
CA GLN B 198 -27.53 13.73 -2.54
C GLN B 198 -26.10 13.25 -2.75
N LEU B 199 -25.79 12.09 -2.19
CA LEU B 199 -24.51 11.42 -2.35
C LEU B 199 -24.72 10.14 -3.16
N THR B 200 -23.88 9.95 -4.17
CA THR B 200 -24.02 8.84 -5.11
CA THR B 200 -24.03 8.76 -5.00
C THR B 200 -22.72 8.10 -5.36
N THR B 201 -22.79 6.77 -5.39
CA THR B 201 -21.82 5.95 -6.08
C THR B 201 -22.58 4.97 -6.96
N ASP B 202 -21.86 4.20 -7.77
CA ASP B 202 -22.48 3.09 -8.45
C ASP B 202 -23.00 2.12 -7.39
N MET B 203 -23.99 1.35 -7.80
CA MET B 203 -24.43 0.20 -7.04
C MET B 203 -23.47 -0.93 -7.32
N PHE B 204 -22.94 -1.51 -6.26
CA PHE B 204 -22.08 -2.67 -6.37
C PHE B 204 -22.84 -3.93 -5.97
N GLN B 205 -22.14 -5.05 -6.06
CA GLN B 205 -22.73 -6.33 -5.76
C GLN B 205 -23.42 -6.33 -4.41
N GLN B 206 -24.55 -7.03 -4.35
CA GLN B 206 -25.45 -6.97 -3.20
C GLN B 206 -25.41 -8.23 -2.38
N SER B 207 -24.68 -9.24 -2.84
CA SER B 207 -24.61 -10.53 -2.15
C SER B 207 -23.87 -10.50 -0.82
N TYR B 208 -22.73 -9.83 -0.81
CA TYR B 208 -21.82 -9.86 0.32
C TYR B 208 -21.68 -8.42 0.83
N ASN B 209 -22.63 -7.98 1.66
CA ASN B 209 -22.65 -6.61 2.15
C ASN B 209 -22.75 -6.60 3.69
N HIS B 210 -22.39 -7.70 4.36
CA HIS B 210 -22.52 -7.75 5.80
C HIS B 210 -21.53 -6.81 6.47
N GLY B 211 -22.05 -5.95 7.37
CA GLY B 211 -21.22 -4.96 8.07
C GLY B 211 -21.17 -3.59 7.39
N ALA B 212 -21.86 -3.42 6.25
CA ALA B 212 -21.79 -2.11 5.58
C ALA B 212 -22.26 -0.96 6.48
N GLY B 213 -23.41 -1.14 7.13
CA GLY B 213 -23.98 -0.09 7.98
C GLY B 213 -23.05 0.26 9.12
N CYS B 214 -22.56 -0.76 9.82
CA CYS B 214 -21.69 -0.49 10.96
C CYS B 214 -20.43 0.23 10.53
N THR B 215 -19.88 -0.25 9.41
CA THR B 215 -18.67 0.32 8.89
C THR B 215 -18.85 1.78 8.52
N PHE B 216 -19.98 2.10 7.92
CA PHE B 216 -20.28 3.47 7.55
C PHE B 216 -20.23 4.39 8.77
N ALA B 217 -20.91 4.01 9.84
CA ALA B 217 -20.95 4.87 11.01
C ALA B 217 -19.61 4.91 11.71
N ALA B 218 -18.90 3.79 11.72
CA ALA B 218 -17.55 3.78 12.27
C ALA B 218 -16.62 4.72 11.52
N ALA B 219 -16.66 4.66 10.21
CA ALA B 219 -15.81 5.53 9.40
C ALA B 219 -16.14 7.01 9.61
N THR B 220 -17.44 7.32 9.67
CA THR B 220 -17.85 8.71 9.95
C THR B 220 -17.22 9.21 11.22
N THR B 221 -17.22 8.36 12.25
CA THR B 221 -16.72 8.72 13.54
C THR B 221 -15.23 8.99 13.49
N ALA B 222 -14.50 8.09 12.85
CA ALA B 222 -13.06 8.27 12.77
C ALA B 222 -12.66 9.48 11.95
N TYR B 223 -13.38 9.71 10.86
CA TYR B 223 -13.08 10.87 10.03
C TYR B 223 -13.35 12.20 10.78
N LEU B 224 -14.43 12.25 11.56
CA LEU B 224 -14.66 13.43 12.44
C LEU B 224 -13.53 13.58 13.41
N ALA B 225 -13.13 12.49 14.04
CA ALA B 225 -12.06 12.58 15.05
C ALA B 225 -10.73 13.11 14.48
N ASN B 226 -10.44 12.69 13.24
CA ASN B 226 -9.25 13.13 12.52
C ASN B 226 -9.35 14.49 11.82
N GLY B 227 -10.47 15.18 12.01
CA GLY B 227 -10.56 16.60 11.66
C GLY B 227 -11.40 16.99 10.45
N LYS B 228 -12.09 16.03 9.84
CA LYS B 228 -12.99 16.32 8.72
CA LYS B 228 -12.99 16.32 8.72
C LYS B 228 -14.27 16.90 9.25
N SER B 229 -14.87 17.82 8.51
CA SER B 229 -16.14 18.40 8.89
C SER B 229 -17.20 17.29 8.76
N PRO B 230 -18.35 17.43 9.40
CA PRO B 230 -19.41 16.42 9.23
C PRO B 230 -19.73 16.07 7.77
N LYS B 231 -19.87 17.08 6.91
CA LYS B 231 -20.15 16.83 5.52
C LYS B 231 -19.01 16.02 4.88
N GLU B 232 -17.75 16.44 5.07
CA GLU B 232 -16.69 15.70 4.42
CA GLU B 232 -16.54 15.75 4.57
C GLU B 232 -16.52 14.32 5.07
N ALA B 233 -16.85 14.18 6.37
CA ALA B 233 -16.76 12.89 7.04
C ALA B 233 -17.75 11.89 6.45
N VAL B 234 -18.99 12.35 6.19
CA VAL B 234 -20.01 11.47 5.64
CA VAL B 234 -19.97 11.38 5.67
C VAL B 234 -19.67 11.05 4.20
N ILE B 235 -19.17 12.03 3.43
CA ILE B 235 -18.73 11.73 2.06
C ILE B 235 -17.62 10.71 2.05
N SER B 236 -16.62 10.94 2.90
CA SER B 236 -15.50 10.02 2.99
C SER B 236 -15.92 8.63 3.50
N ALA B 237 -16.84 8.62 4.43
CA ALA B 237 -17.38 7.34 4.90
C ALA B 237 -18.09 6.55 3.83
N LYS B 238 -18.84 7.25 2.98
CA LYS B 238 -19.55 6.56 1.92
C LYS B 238 -18.53 5.98 0.95
N ALA B 239 -17.48 6.71 0.63
CA ALA B 239 -16.45 6.19 -0.24
C ALA B 239 -15.76 4.97 0.36
N PHE B 240 -15.41 5.08 1.62
CA PHE B 240 -14.75 4.01 2.39
C PHE B 240 -15.57 2.73 2.36
N VAL B 241 -16.86 2.88 2.64
CA VAL B 241 -17.70 1.71 2.68
CA VAL B 241 -17.77 1.73 2.66
C VAL B 241 -18.02 1.19 1.26
N ALA B 242 -18.10 2.09 0.28
CA ALA B 242 -18.35 1.62 -1.10
C ALA B 242 -17.23 0.65 -1.57
N SER B 243 -15.97 0.99 -1.26
CA SER B 243 -14.86 0.13 -1.62
C SER B 243 -15.00 -1.20 -0.87
N ALA B 244 -15.35 -1.12 0.43
CA ALA B 244 -15.53 -2.34 1.20
C ALA B 244 -16.61 -3.26 0.62
N ILE B 245 -17.70 -2.65 0.17
CA ILE B 245 -18.80 -3.41 -0.43
C ILE B 245 -18.40 -4.02 -1.78
N LYS B 246 -17.78 -3.21 -2.64
CA LYS B 246 -17.32 -3.66 -3.94
C LYS B 246 -16.47 -4.90 -3.79
N ASN B 247 -15.65 -4.92 -2.74
CA ASN B 247 -14.71 -6.01 -2.44
C ASN B 247 -15.18 -7.01 -1.40
N GLY B 248 -16.49 -7.07 -1.18
CA GLY B 248 -17.10 -8.04 -0.27
C GLY B 248 -16.84 -9.44 -0.81
N TRP B 249 -16.96 -10.42 0.08
CA TRP B 249 -16.66 -11.80 -0.25
C TRP B 249 -17.53 -12.76 0.53
N LYS B 250 -17.63 -13.99 0.03
CA LYS B 250 -18.45 -15.03 0.63
C LYS B 250 -17.68 -15.82 1.69
N MET B 251 -18.10 -15.68 2.97
CA MET B 251 -17.52 -16.39 4.12
CA MET B 251 -17.44 -16.42 4.01
C MET B 251 -18.10 -17.79 4.23
N ASN B 252 -19.42 -17.84 4.21
CA ASN B 252 -20.19 -19.10 4.20
C ASN B 252 -21.52 -18.81 3.51
N ASP B 253 -22.43 -19.78 3.54
CA ASP B 253 -23.72 -19.62 2.86
C ASP B 253 -24.60 -18.54 3.48
N PHE B 254 -24.30 -18.20 4.73
CA PHE B 254 -25.11 -17.27 5.48
C PHE B 254 -24.56 -15.86 5.55
N VAL B 255 -23.27 -15.69 5.44
CA VAL B 255 -22.65 -14.37 5.62
C VAL B 255 -21.55 -14.08 4.59
N GLY B 256 -21.62 -12.87 4.04
CA GLY B 256 -20.60 -12.35 3.17
C GLY B 256 -20.24 -10.95 3.62
N PRO B 257 -19.01 -10.88 4.30
CA PRO B 257 -18.68 -9.54 4.79
C PRO B 257 -18.11 -8.54 3.78
N VAL B 258 -18.34 -7.28 4.04
CA VAL B 258 -17.57 -6.26 3.39
C VAL B 258 -16.08 -6.38 3.75
N ASP B 259 -15.21 -5.96 2.83
CA ASP B 259 -13.75 -5.93 3.08
C ASP B 259 -13.38 -4.60 3.68
N HIS B 260 -13.34 -4.52 5.01
CA HIS B 260 -13.17 -3.24 5.70
C HIS B 260 -11.89 -2.55 5.27
N GLY B 261 -10.86 -3.31 4.88
CA GLY B 261 -9.60 -2.74 4.46
C GLY B 261 -9.46 -2.38 2.99
N ALA B 262 -10.54 -2.53 2.21
CA ALA B 262 -10.45 -2.37 0.79
C ALA B 262 -10.08 -0.94 0.38
N TYR B 263 -10.59 0.06 1.08
CA TYR B 263 -10.31 1.45 0.73
C TYR B 263 -8.83 1.72 0.68
N ASN B 264 -8.12 1.25 1.69
CA ASN B 264 -6.71 1.55 1.84
C ASN B 264 -5.84 0.57 1.04
N ARG B 265 -6.29 -0.66 0.85
CA ARG B 265 -5.46 -1.71 0.22
C ARG B 265 -5.76 -1.89 -1.26
N ILE B 266 -7.00 -1.68 -1.68
CA ILE B 266 -7.44 -2.00 -3.04
C ILE B 266 -7.73 -0.78 -3.91
N GLU B 267 -8.66 0.05 -3.51
CA GLU B 267 -9.10 1.16 -4.35
C GLU B 267 -9.99 2.14 -3.59
N HIS B 268 -9.96 3.39 -4.02
CA HIS B 268 -10.90 4.43 -3.59
C HIS B 268 -12.03 4.51 -4.61
N ILE B 269 -13.19 4.92 -4.12
CA ILE B 269 -14.40 5.11 -4.94
C ILE B 269 -14.79 6.56 -4.83
N ASP B 270 -15.04 7.21 -5.94
CA ASP B 270 -15.47 8.60 -5.87
C ASP B 270 -16.99 8.69 -5.59
N VAL B 271 -17.33 9.69 -4.80
CA VAL B 271 -18.70 10.01 -4.42
C VAL B 271 -19.12 11.30 -5.14
N GLU B 272 -20.27 11.22 -5.85
CA GLU B 272 -20.84 12.38 -6.50
C GLU B 272 -21.74 13.08 -5.51
N VAL B 273 -21.57 14.38 -5.37
CA VAL B 273 -22.34 15.19 -4.46
C VAL B 273 -23.14 16.25 -5.25
N THR B 274 -24.46 16.23 -5.09
CA THR B 274 -25.33 17.17 -5.78
C THR B 274 -26.35 17.70 -4.79
N GLU B 275 -26.60 19.03 -4.82
CA GLU B 275 -27.69 19.63 -4.07
C GLU B 275 -29.01 19.21 -4.69
N VAL B 276 -29.92 18.77 -3.82
CA VAL B 276 -31.27 18.38 -4.25
C VAL B 276 -32.37 19.09 -3.46
N GLY C 1 18.18 -3.24 -37.55
CA GLY C 1 17.27 -4.23 -36.93
C GLY C 1 16.40 -3.55 -35.88
N ALA C 2 15.50 -4.32 -35.32
CA ALA C 2 14.59 -3.83 -34.33
C ALA C 2 15.34 -3.39 -33.05
N LEU C 3 14.77 -2.44 -32.33
CA LEU C 3 15.30 -2.12 -30.99
C LEU C 3 15.30 -3.40 -30.10
N LYS C 4 16.40 -3.62 -29.38
CA LYS C 4 16.50 -4.70 -28.40
CA LYS C 4 16.50 -4.68 -28.41
C LYS C 4 15.62 -4.36 -27.21
N LYS C 5 14.82 -5.33 -26.76
CA LYS C 5 13.89 -5.17 -25.64
C LYS C 5 14.62 -5.55 -24.38
N VAL C 6 14.76 -4.60 -23.48
CA VAL C 6 15.60 -4.79 -22.30
C VAL C 6 14.72 -4.54 -21.09
N LEU C 7 14.54 -5.60 -20.30
CA LEU C 7 13.70 -5.58 -19.10
C LEU C 7 14.55 -5.44 -17.83
N THR C 8 14.15 -4.52 -16.96
CA THR C 8 14.65 -4.48 -15.61
C THR C 8 13.56 -4.91 -14.64
N ILE C 9 13.99 -5.73 -13.67
CA ILE C 9 13.14 -6.15 -12.55
C ILE C 9 13.72 -5.42 -11.34
N ALA C 10 13.01 -4.41 -10.87
CA ALA C 10 13.58 -3.39 -10.01
C ALA C 10 12.49 -2.62 -9.31
N GLY C 11 12.90 -1.84 -8.32
CA GLY C 11 12.05 -0.94 -7.60
C GLY C 11 12.14 0.48 -8.11
N SER C 12 11.13 1.26 -7.76
CA SER C 12 11.10 2.68 -8.11
C SER C 12 11.86 3.49 -7.04
N ASP C 13 12.87 4.25 -7.49
CA ASP C 13 13.53 5.29 -6.70
C ASP C 13 12.83 6.60 -6.95
N THR C 14 11.99 7.04 -6.02
CA THR C 14 11.18 8.23 -6.35
C THR C 14 12.09 9.42 -6.68
N SER C 15 13.27 9.50 -6.06
CA SER C 15 14.18 10.60 -6.38
C SER C 15 14.72 10.56 -7.81
N ALA C 16 14.59 9.39 -8.46
CA ALA C 16 14.78 9.16 -9.89
C ALA C 16 16.22 9.12 -10.36
N GLY C 17 17.17 8.93 -9.44
CA GLY C 17 18.58 8.79 -9.84
C GLY C 17 19.06 7.34 -9.94
N ALA C 18 18.41 6.45 -9.20
CA ALA C 18 18.76 5.03 -9.14
C ALA C 18 17.53 4.22 -9.50
N GLY C 19 17.55 2.93 -9.19
CA GLY C 19 16.41 2.07 -9.43
C GLY C 19 15.98 1.97 -10.88
N MET C 20 14.71 1.67 -11.06
CA MET C 20 14.17 1.53 -12.38
C MET C 20 14.27 2.80 -13.21
N GLN C 21 14.31 3.96 -12.56
CA GLN C 21 14.47 5.23 -13.24
C GLN C 21 15.84 5.27 -13.91
N ALA C 22 16.90 4.98 -13.16
CA ALA C 22 18.24 4.94 -13.74
C ALA C 22 18.28 3.92 -14.88
N ASP C 23 17.64 2.78 -14.68
CA ASP C 23 17.62 1.71 -15.69
C ASP C 23 16.97 2.17 -16.98
N LEU C 24 15.74 2.66 -16.91
CA LEU C 24 15.04 3.11 -18.10
C LEU C 24 15.75 4.28 -18.80
N LYS C 25 16.33 5.18 -18.01
CA LYS C 25 17.05 6.29 -18.57
C LYS C 25 18.27 5.83 -19.36
N THR C 26 19.01 4.93 -18.75
CA THR C 26 20.23 4.36 -19.34
C THR C 26 19.89 3.54 -20.57
N PHE C 27 18.86 2.72 -20.47
CA PHE C 27 18.40 1.96 -21.64
C PHE C 27 18.06 2.87 -22.85
N GLN C 28 17.43 4.00 -22.54
CA GLN C 28 17.05 4.97 -23.56
C GLN C 28 18.29 5.63 -24.18
N GLU C 29 19.24 6.03 -23.35
CA GLU C 29 20.49 6.63 -23.80
C GLU C 29 21.27 5.68 -24.69
N LEU C 30 21.11 4.38 -24.49
CA LEU C 30 21.83 3.38 -25.25
C LEU C 30 21.01 2.74 -26.36
N ASP C 31 19.94 3.43 -26.73
CA ASP C 31 19.16 3.06 -27.94
C ASP C 31 18.61 1.66 -27.89
N THR C 32 18.02 1.33 -26.74
CA THR C 32 17.29 0.11 -26.55
C THR C 32 15.86 0.46 -26.11
N TYR C 33 14.98 -0.53 -26.18
CA TYR C 33 13.59 -0.41 -25.75
C TYR C 33 13.45 -0.89 -24.30
N GLY C 34 13.45 0.08 -23.39
CA GLY C 34 13.44 -0.24 -21.96
C GLY C 34 12.06 -0.62 -21.42
N MET C 35 12.07 -1.62 -20.54
CA MET C 35 10.87 -2.10 -19.86
CA MET C 35 10.87 -2.10 -19.86
C MET C 35 11.18 -2.35 -18.40
N VAL C 36 10.15 -2.26 -17.56
CA VAL C 36 10.25 -2.50 -16.14
C VAL C 36 9.12 -3.38 -15.59
N ALA C 37 9.49 -4.31 -14.73
CA ALA C 37 8.57 -5.00 -13.83
C ALA C 37 8.93 -4.51 -12.42
N LEU C 38 8.02 -3.73 -11.83
CA LEU C 38 8.22 -3.06 -10.57
C LEU C 38 8.01 -4.00 -9.37
N THR C 39 8.94 -3.93 -8.43
CA THR C 39 8.91 -4.78 -7.24
C THR C 39 8.49 -4.04 -5.97
N ALA C 40 8.72 -2.73 -5.94
CA ALA C 40 8.63 -1.94 -4.72
C ALA C 40 8.68 -0.48 -5.10
N ILE C 41 8.29 0.38 -4.19
CA ILE C 41 8.39 1.84 -4.35
C ILE C 41 9.13 2.39 -3.13
N VAL C 42 10.23 3.10 -3.39
CA VAL C 42 11.04 3.70 -2.36
C VAL C 42 10.77 5.21 -2.37
N THR C 43 10.42 5.71 -1.20
CA THR C 43 10.19 7.13 -0.98
C THR C 43 11.08 7.65 0.13
N MET C 44 11.17 8.97 0.22
CA MET C 44 12.07 9.64 1.15
C MET C 44 11.35 10.78 1.87
N ASP C 45 11.49 10.79 3.18
CA ASP C 45 10.92 11.81 4.02
C ASP C 45 11.54 13.19 3.68
N LYS C 46 10.69 14.20 3.60
CA LYS C 46 11.13 15.52 3.22
C LYS C 46 12.10 16.16 4.21
N ASP C 47 11.99 15.82 5.49
CA ASP C 47 12.79 16.46 6.52
C ASP C 47 14.12 15.78 6.79
N THR C 48 14.15 14.45 6.78
CA THR C 48 15.39 13.70 7.10
C THR C 48 15.88 12.77 5.97
N TRP C 49 15.09 12.67 4.89
CA TRP C 49 15.42 11.83 3.75
C TRP C 49 15.54 10.37 4.11
N SER C 50 14.86 9.97 5.20
CA SER C 50 14.88 8.60 5.63
C SER C 50 14.12 7.79 4.56
N HIS C 51 14.70 6.68 4.14
CA HIS C 51 14.08 5.82 3.14
C HIS C 51 12.94 4.97 3.70
N ASP C 52 11.92 4.80 2.87
CA ASP C 52 10.75 3.99 3.18
C ASP C 52 10.48 3.13 1.96
N VAL C 53 10.53 1.82 2.17
CA VAL C 53 10.36 0.83 1.09
C VAL C 53 8.99 0.17 1.18
N THR C 54 8.15 0.42 0.17
CA THR C 54 6.81 -0.15 0.07
C THR C 54 6.84 -1.27 -0.94
N PRO C 55 6.83 -2.54 -0.45
CA PRO C 55 6.78 -3.62 -1.44
C PRO C 55 5.44 -3.61 -2.21
N LEU C 56 5.48 -4.05 -3.45
CA LEU C 56 4.27 -4.27 -4.22
C LEU C 56 3.81 -5.72 -4.03
N PRO C 57 2.47 -5.93 -4.01
CA PRO C 57 2.00 -7.28 -3.81
C PRO C 57 2.42 -8.27 -4.90
N MET C 58 2.50 -9.54 -4.55
CA MET C 58 2.94 -10.53 -5.52
C MET C 58 1.98 -10.66 -6.70
N ASP C 59 0.68 -10.48 -6.48
CA ASP C 59 -0.24 -10.60 -7.63
C ASP C 59 0.08 -9.59 -8.76
N VAL C 60 0.36 -8.33 -8.40
CA VAL C 60 0.65 -7.33 -9.44
C VAL C 60 2.06 -7.55 -10.00
N PHE C 61 2.98 -8.06 -9.18
CA PHE C 61 4.29 -8.42 -9.71
C PHE C 61 4.13 -9.47 -10.82
N GLU C 62 3.40 -10.53 -10.52
CA GLU C 62 3.21 -11.59 -11.46
C GLU C 62 2.49 -11.14 -12.71
N LYS C 63 1.54 -10.24 -12.57
CA LYS C 63 0.81 -9.71 -13.75
C LYS C 63 1.79 -8.96 -14.67
N GLN C 64 2.70 -8.22 -14.04
CA GLN C 64 3.69 -7.49 -14.83
C GLN C 64 4.62 -8.45 -15.56
N LEU C 65 5.08 -9.48 -14.86
CA LEU C 65 5.96 -10.43 -15.49
C LEU C 65 5.29 -11.15 -16.66
N GLU C 66 3.99 -11.47 -16.52
CA GLU C 66 3.24 -12.08 -17.62
C GLU C 66 3.28 -11.22 -18.85
N THR C 67 3.00 -9.94 -18.70
CA THR C 67 3.04 -9.04 -19.82
C THR C 67 4.45 -8.95 -20.41
N ALA C 68 5.44 -8.78 -19.54
CA ALA C 68 6.80 -8.62 -20.04
C ALA C 68 7.30 -9.85 -20.79
N LEU C 69 6.98 -11.03 -20.26
CA LEU C 69 7.38 -12.28 -20.87
C LEU C 69 6.73 -12.44 -22.26
N SER C 70 5.48 -12.01 -22.38
CA SER C 70 4.73 -12.08 -23.62
C SER C 70 5.38 -11.21 -24.70
N ILE C 71 5.84 -10.04 -24.31
CA ILE C 71 6.54 -9.13 -25.21
C ILE C 71 7.85 -9.72 -25.69
N GLY C 72 8.53 -10.41 -24.77
CA GLY C 72 9.76 -11.15 -25.11
C GLY C 72 11.04 -10.34 -25.02
N PRO C 73 11.60 -10.24 -23.79
CA PRO C 73 12.84 -9.46 -23.68
C PRO C 73 14.03 -10.14 -24.34
N ASP C 74 14.92 -9.33 -24.86
CA ASP C 74 16.21 -9.81 -25.37
C ASP C 74 17.26 -9.88 -24.26
N ALA C 75 17.09 -9.07 -23.20
CA ALA C 75 18.05 -9.05 -22.07
C ALA C 75 17.24 -8.66 -20.84
N ILE C 76 17.64 -9.17 -19.68
CA ILE C 76 17.01 -8.84 -18.43
C ILE C 76 18.08 -8.47 -17.43
N LYS C 77 17.84 -7.39 -16.72
CA LYS C 77 18.60 -6.98 -15.54
CA LYS C 77 18.60 -6.98 -15.55
C LYS C 77 17.75 -7.15 -14.30
N THR C 78 18.38 -7.56 -13.20
CA THR C 78 17.78 -7.51 -11.88
C THR C 78 18.47 -6.44 -11.05
N GLY C 79 17.65 -5.63 -10.36
CA GLY C 79 18.11 -4.69 -9.35
C GLY C 79 17.61 -5.14 -7.97
N MET C 80 16.97 -4.22 -7.30
N MET C 80 17.00 -4.22 -7.24
CA MET C 80 16.25 -4.42 -6.06
CA MET C 80 16.30 -4.51 -5.97
C MET C 80 15.09 -5.40 -6.18
C MET C 80 15.13 -5.43 -6.18
N LEU C 81 15.23 -6.56 -5.51
CA LEU C 81 14.24 -7.58 -5.57
C LEU C 81 13.43 -7.65 -4.26
N GLY C 82 14.15 -7.82 -3.15
CA GLY C 82 13.58 -7.60 -1.82
C GLY C 82 13.17 -8.81 -1.01
N THR C 83 12.75 -9.88 -1.67
CA THR C 83 12.30 -11.08 -0.97
C THR C 83 12.85 -12.29 -1.70
N GLU C 84 12.92 -13.42 -1.01
CA GLU C 84 13.34 -14.67 -1.65
C GLU C 84 12.39 -15.09 -2.75
N GLU C 85 11.08 -14.88 -2.58
CA GLU C 85 10.10 -15.26 -3.59
C GLU C 85 10.34 -14.50 -4.91
N ILE C 86 10.66 -13.21 -4.80
CA ILE C 86 10.89 -12.37 -5.98
C ILE C 86 12.19 -12.75 -6.63
N ILE C 87 13.21 -13.05 -5.82
CA ILE C 87 14.50 -13.49 -6.35
C ILE C 87 14.28 -14.73 -7.19
N LYS C 88 13.59 -15.72 -6.64
CA LYS C 88 13.30 -16.95 -7.34
C LYS C 88 12.56 -16.70 -8.65
N ARG C 89 11.52 -15.92 -8.56
CA ARG C 89 10.71 -15.65 -9.74
CA ARG C 89 10.69 -15.58 -9.72
C ARG C 89 11.50 -14.91 -10.83
N ALA C 90 12.42 -14.03 -10.44
CA ALA C 90 13.24 -13.26 -11.41
C ALA C 90 14.09 -14.21 -12.23
N GLY C 91 14.69 -15.20 -11.55
CA GLY C 91 15.43 -16.24 -12.26
C GLY C 91 14.54 -17.02 -13.20
N GLU C 92 13.36 -17.35 -12.73
CA GLU C 92 12.43 -18.13 -13.51
C GLU C 92 11.95 -17.40 -14.77
N VAL C 93 11.66 -16.12 -14.69
CA VAL C 93 11.20 -15.41 -15.89
C VAL C 93 12.34 -15.37 -16.90
N TYR C 94 13.59 -15.21 -16.44
CA TYR C 94 14.70 -15.24 -17.38
C TYR C 94 14.73 -16.57 -18.11
N GLU C 95 14.65 -17.69 -17.36
CA GLU C 95 14.69 -19.01 -17.97
C GLU C 95 13.53 -19.23 -18.93
N ALA C 96 12.36 -18.72 -18.58
CA ALA C 96 11.15 -18.93 -19.40
C ALA C 96 11.19 -18.10 -20.69
N SER C 97 11.90 -16.98 -20.65
CA SER C 97 12.02 -16.11 -21.80
C SER C 97 13.01 -16.65 -22.82
N ASN C 98 13.09 -15.97 -23.94
CA ASN C 98 14.14 -16.25 -24.92
C ASN C 98 15.29 -15.26 -24.80
N ALA C 99 15.42 -14.63 -23.64
CA ALA C 99 16.48 -13.63 -23.48
C ALA C 99 17.83 -14.36 -23.48
N GLN C 100 18.84 -13.74 -24.13
CA GLN C 100 20.16 -14.34 -24.13
C GLN C 100 21.09 -13.81 -23.04
N TYR C 101 20.67 -12.77 -22.34
CA TYR C 101 21.52 -12.09 -21.41
C TYR C 101 20.79 -11.80 -20.13
N PHE C 102 21.46 -12.12 -19.03
CA PHE C 102 20.92 -11.90 -17.68
C PHE C 102 22.01 -11.21 -16.86
N VAL C 103 21.74 -9.97 -16.47
CA VAL C 103 22.66 -9.19 -15.65
C VAL C 103 22.07 -9.00 -14.27
N VAL C 104 22.78 -9.59 -13.30
CA VAL C 104 22.33 -9.56 -11.94
C VAL C 104 23.14 -8.56 -11.12
N ASP C 105 22.45 -7.52 -10.65
CA ASP C 105 23.06 -6.54 -9.77
C ASP C 105 22.61 -6.96 -8.36
N PRO C 106 23.52 -7.58 -7.56
CA PRO C 106 23.15 -8.29 -6.33
C PRO C 106 23.04 -7.33 -5.14
N VAL C 107 22.13 -6.39 -5.24
CA VAL C 107 22.04 -5.30 -4.32
C VAL C 107 21.72 -5.78 -2.87
N MET C 108 22.53 -5.31 -1.93
CA MET C 108 22.38 -5.64 -0.50
C MET C 108 22.58 -4.37 0.30
N VAL C 109 22.27 -4.45 1.59
CA VAL C 109 22.49 -3.36 2.54
C VAL C 109 23.37 -3.85 3.71
N CYS C 110 24.37 -3.05 4.07
CA CYS C 110 25.36 -3.37 5.08
C CYS C 110 24.86 -3.05 6.51
N ASP C 114 29.91 -4.66 8.58
CA ASP C 114 30.22 -5.47 7.39
C ASP C 114 29.60 -6.90 7.44
N GLU C 115 28.36 -6.99 7.92
CA GLU C 115 27.50 -8.20 7.84
C GLU C 115 26.13 -7.78 7.32
N VAL C 116 25.33 -8.70 6.82
CA VAL C 116 23.93 -8.36 6.44
C VAL C 116 23.01 -8.74 7.61
N LEU C 117 21.86 -8.07 7.72
CA LEU C 117 20.91 -8.38 8.81
C LEU C 117 20.48 -9.83 8.78
N ASN C 118 20.11 -10.27 7.57
CA ASN C 118 19.62 -11.62 7.35
C ASN C 118 20.25 -12.20 6.10
N PRO C 119 21.07 -13.24 6.27
CA PRO C 119 21.70 -13.84 5.08
C PRO C 119 20.76 -14.56 4.09
N GLY C 120 19.44 -14.56 4.36
CA GLY C 120 18.46 -15.19 3.46
C GLY C 120 18.46 -14.76 2.00
N ASN C 121 18.40 -13.45 1.74
CA ASN C 121 18.40 -12.97 0.37
C ASN C 121 19.72 -13.30 -0.30
N THR C 122 20.85 -13.23 0.43
CA THR C 122 22.16 -13.56 -0.13
C THR C 122 22.16 -15.01 -0.57
N GLU C 123 21.68 -15.91 0.30
CA GLU C 123 21.61 -17.34 -0.02
C GLU C 123 20.72 -17.57 -1.23
N ALA C 124 19.61 -16.84 -1.30
CA ALA C 124 18.69 -16.96 -2.43
C ALA C 124 19.32 -16.46 -3.74
N MET C 125 20.07 -15.36 -3.67
CA MET C 125 20.79 -14.90 -4.85
C MET C 125 21.74 -15.95 -5.38
N ILE C 126 22.52 -16.53 -4.47
CA ILE C 126 23.47 -17.60 -4.83
C ILE C 126 22.77 -18.80 -5.42
N LYS C 127 21.64 -19.20 -4.81
CA LYS C 127 20.89 -20.34 -5.28
C LYS C 127 20.24 -20.13 -6.66
N TYR C 128 19.55 -19.00 -6.83
CA TYR C 128 18.64 -18.83 -7.98
C TYR C 128 19.20 -17.97 -9.07
N LEU C 129 20.06 -17.00 -8.74
CA LEU C 129 20.52 -16.01 -9.72
C LEU C 129 21.95 -16.20 -10.23
N LEU C 130 22.93 -16.45 -9.34
CA LEU C 130 24.30 -16.62 -9.82
C LEU C 130 24.42 -17.65 -10.92
N PRO C 131 23.76 -18.80 -10.79
CA PRO C 131 23.98 -19.81 -11.83
C PRO C 131 23.36 -19.52 -13.18
N LYS C 132 22.53 -18.49 -13.25
CA LYS C 132 21.90 -18.02 -14.51
C LYS C 132 22.59 -16.77 -15.10
N ALA C 133 23.38 -16.09 -14.29
CA ALA C 133 23.88 -14.76 -14.62
C ALA C 133 24.91 -14.82 -15.73
N THR C 134 24.69 -13.99 -16.74
CA THR C 134 25.71 -13.74 -17.77
C THR C 134 26.79 -12.90 -17.11
N VAL C 135 26.39 -11.85 -16.39
CA VAL C 135 27.31 -11.03 -15.63
C VAL C 135 26.61 -10.74 -14.28
N VAL C 136 27.40 -10.86 -13.21
CA VAL C 136 26.98 -10.38 -11.90
CA VAL C 136 26.99 -10.40 -11.88
C VAL C 136 27.91 -9.24 -11.52
N THR C 137 27.30 -8.19 -10.98
CA THR C 137 27.93 -6.90 -10.75
C THR C 137 27.96 -6.42 -9.29
N PRO C 138 28.54 -7.23 -8.38
CA PRO C 138 28.58 -6.76 -6.99
C PRO C 138 29.51 -5.58 -6.74
N ASN C 139 29.13 -4.71 -5.80
CA ASN C 139 30.10 -3.80 -5.22
C ASN C 139 30.98 -4.57 -4.24
N LEU C 140 31.92 -3.87 -3.63
CA LEU C 140 32.94 -4.51 -2.85
C LEU C 140 32.32 -5.26 -1.63
N PHE C 141 31.33 -4.63 -1.00
CA PHE C 141 30.66 -5.24 0.13
C PHE C 141 29.93 -6.52 -0.30
N GLU C 142 29.14 -6.41 -1.37
CA GLU C 142 28.34 -7.50 -1.89
C GLU C 142 29.23 -8.64 -2.33
N ALA C 143 30.40 -8.35 -2.89
CA ALA C 143 31.30 -9.42 -3.30
C ALA C 143 31.81 -10.19 -2.09
N GLY C 144 32.04 -9.49 -0.97
CA GLY C 144 32.43 -10.17 0.27
C GLY C 144 31.39 -11.12 0.79
N GLN C 145 30.14 -10.71 0.67
CA GLN C 145 29.03 -11.53 1.10
C GLN C 145 28.82 -12.73 0.19
N LEU C 146 28.79 -12.48 -1.11
CA LEU C 146 28.53 -13.56 -2.05
C LEU C 146 29.64 -14.63 -1.99
N SER C 147 30.87 -14.20 -1.73
CA SER C 147 32.00 -15.09 -1.70
C SER C 147 32.19 -15.76 -0.35
N GLY C 148 31.59 -15.17 0.67
CA GLY C 148 31.78 -15.65 2.02
C GLY C 148 33.11 -15.22 2.62
N LEU C 149 33.86 -14.36 1.96
CA LEU C 149 35.16 -13.90 2.47
C LEU C 149 35.07 -12.73 3.41
N GLY C 150 33.95 -12.05 3.42
CA GLY C 150 33.79 -10.87 4.26
C GLY C 150 34.49 -9.69 3.62
N LYS C 151 35.06 -8.83 4.45
CA LYS C 151 35.54 -7.59 3.95
C LYS C 151 36.72 -7.76 3.01
N LEU C 152 36.66 -7.09 1.86
CA LEU C 152 37.70 -7.16 0.83
C LEU C 152 38.43 -5.83 0.84
N ASN C 153 39.75 -5.86 0.85
CA ASN C 153 40.53 -4.63 1.02
C ASN C 153 41.55 -4.35 -0.07
N SER C 154 41.60 -5.22 -1.07
CA SER C 154 42.66 -5.20 -2.08
C SER C 154 42.23 -5.89 -3.35
N ILE C 155 42.98 -5.61 -4.42
CA ILE C 155 42.82 -6.33 -5.69
C ILE C 155 42.96 -7.84 -5.49
N GLU C 156 43.92 -8.24 -4.68
CA GLU C 156 44.10 -9.65 -4.42
C GLU C 156 42.88 -10.25 -3.73
N ASP C 157 42.29 -9.53 -2.79
CA ASP C 157 41.06 -10.04 -2.15
C ASP C 157 39.92 -10.12 -3.20
N MET C 158 39.85 -9.12 -4.09
CA MET C 158 38.82 -9.12 -5.13
C MET C 158 39.00 -10.30 -6.09
N LYS C 159 40.26 -10.66 -6.39
CA LYS C 159 40.52 -11.81 -7.22
C LYS C 159 39.99 -13.10 -6.57
N LYS C 160 40.24 -13.26 -5.29
CA LYS C 160 39.75 -14.43 -4.55
C LYS C 160 38.19 -14.46 -4.57
N ALA C 161 37.58 -13.32 -4.30
CA ALA C 161 36.12 -13.26 -4.29
C ALA C 161 35.55 -13.56 -5.68
N ALA C 162 36.16 -13.02 -6.73
CA ALA C 162 35.65 -13.26 -8.08
C ALA C 162 35.77 -14.74 -8.46
N THR C 163 36.85 -15.37 -7.99
CA THR C 163 37.05 -16.81 -8.23
C THR C 163 35.87 -17.57 -7.63
N ILE C 164 35.56 -17.27 -6.39
CA ILE C 164 34.53 -18.01 -5.66
C ILE C 164 33.17 -17.79 -6.31
N ILE C 165 32.87 -16.55 -6.68
CA ILE C 165 31.59 -16.19 -7.28
C ILE C 165 31.41 -16.87 -8.66
N PHE C 166 32.46 -16.87 -9.45
CA PHE C 166 32.48 -17.63 -10.69
C PHE C 166 32.22 -19.12 -10.47
N ASP C 167 32.87 -19.68 -9.45
CA ASP C 167 32.66 -21.08 -9.08
C ASP C 167 31.23 -21.38 -8.63
N LYS C 168 30.49 -20.35 -8.19
CA LYS C 168 29.11 -20.51 -7.78
C LYS C 168 28.17 -20.40 -9.00
N GLY C 169 28.74 -20.16 -10.19
CA GLY C 169 28.01 -20.32 -11.43
C GLY C 169 27.85 -19.11 -12.31
N ALA C 170 28.27 -17.93 -11.84
CA ALA C 170 28.19 -16.73 -12.70
C ALA C 170 29.23 -16.85 -13.79
N GLN C 171 28.83 -16.62 -15.04
CA GLN C 171 29.73 -16.76 -16.19
C GLN C 171 30.82 -15.69 -16.27
N HIS C 172 30.45 -14.50 -15.83
CA HIS C 172 31.34 -13.35 -15.80
C HIS C 172 31.04 -12.57 -14.53
N VAL C 173 32.09 -12.08 -13.90
CA VAL C 173 32.01 -11.33 -12.63
C VAL C 173 32.67 -9.99 -12.79
N ILE C 174 32.02 -8.94 -12.35
CA ILE C 174 32.73 -7.67 -12.16
C ILE C 174 32.49 -7.19 -10.72
N ILE C 175 33.57 -7.07 -9.98
CA ILE C 175 33.54 -6.52 -8.63
C ILE C 175 33.96 -5.08 -8.69
N LYS C 176 33.07 -4.19 -8.30
CA LYS C 176 33.38 -2.78 -8.31
C LYS C 176 34.08 -2.40 -7.04
N GLY C 177 35.26 -1.82 -7.15
CA GLY C 177 35.97 -1.33 -6.00
C GLY C 177 35.53 0.08 -5.67
N GLY C 178 35.85 0.98 -6.58
CA GLY C 178 35.41 2.36 -6.50
C GLY C 178 35.88 3.01 -5.21
N LYS C 179 34.99 3.79 -4.58
CA LYS C 179 35.32 4.55 -3.36
C LYS C 179 35.64 3.64 -2.17
N ALA C 180 35.07 2.44 -2.16
CA ALA C 180 35.23 1.53 -1.06
C ALA C 180 36.67 1.04 -1.00
N LEU C 181 37.39 1.10 -2.11
CA LEU C 181 38.68 0.43 -2.18
C LEU C 181 39.85 1.40 -2.04
N ASP C 182 39.75 2.50 -2.79
CA ASP C 182 40.83 3.44 -2.90
C ASP C 182 40.24 4.77 -3.31
N GLN C 183 40.92 5.87 -2.95
CA GLN C 183 40.44 7.23 -3.32
C GLN C 183 41.18 7.94 -4.45
N ASP C 184 42.17 7.30 -5.07
CA ASP C 184 42.98 7.98 -6.12
C ASP C 184 42.59 7.58 -7.52
N LYS C 185 42.36 6.28 -7.72
CA LYS C 185 41.81 5.78 -8.95
C LYS C 185 40.59 4.97 -8.55
N SER C 186 39.68 4.86 -9.49
CA SER C 186 38.55 3.98 -9.35
C SER C 186 38.79 2.63 -10.03
N TYR C 187 39.02 1.60 -9.21
CA TYR C 187 39.35 0.26 -9.68
C TYR C 187 38.13 -0.65 -9.61
N ASP C 188 37.92 -1.39 -10.69
CA ASP C 188 37.01 -2.54 -10.72
C ASP C 188 37.75 -3.74 -11.27
N LEU C 189 37.29 -4.91 -10.94
CA LEU C 189 37.94 -6.16 -11.36
C LEU C 189 36.95 -7.05 -12.08
N TYR C 190 37.28 -7.32 -13.33
CA TYR C 190 36.51 -8.24 -14.20
C TYR C 190 37.17 -9.60 -14.30
N TYR C 191 36.38 -10.67 -14.26
CA TYR C 191 36.88 -12.03 -14.35
C TYR C 191 35.94 -12.88 -15.20
N ASP C 192 36.50 -13.69 -16.08
CA ASP C 192 35.75 -14.53 -17.02
C ASP C 192 36.02 -16.01 -16.79
N GLY C 193 36.61 -16.35 -15.65
CA GLY C 193 37.00 -17.75 -15.37
C GLY C 193 38.42 -18.10 -15.76
N GLN C 194 39.08 -17.19 -16.48
CA GLN C 194 40.42 -17.46 -17.02
C GLN C 194 41.39 -16.34 -16.75
N THR C 195 40.95 -15.10 -16.97
CA THR C 195 41.83 -13.95 -16.83
C THR C 195 41.14 -12.92 -15.97
N PHE C 196 41.95 -12.25 -15.13
CA PHE C 196 41.54 -11.11 -14.29
C PHE C 196 41.97 -9.82 -14.97
N TYR C 197 41.01 -8.93 -15.18
CA TYR C 197 41.27 -7.62 -15.74
C TYR C 197 40.86 -6.53 -14.76
N GLN C 198 41.80 -5.67 -14.44
CA GLN C 198 41.61 -4.49 -13.66
C GLN C 198 41.23 -3.37 -14.60
N LEU C 199 40.12 -2.72 -14.29
CA LEU C 199 39.59 -1.57 -15.02
C LEU C 199 39.74 -0.33 -14.15
N THR C 200 40.28 0.74 -14.71
CA THR C 200 40.44 1.97 -13.97
C THR C 200 40.04 3.23 -14.74
N THR C 201 39.52 4.18 -13.98
CA THR C 201 39.53 5.56 -14.39
C THR C 201 39.99 6.34 -13.18
N ASP C 202 40.17 7.64 -13.37
CA ASP C 202 40.34 8.52 -12.24
C ASP C 202 39.16 8.39 -11.27
N MET C 203 39.42 8.72 -10.00
CA MET C 203 38.34 8.96 -9.05
CA MET C 203 38.38 8.99 -9.02
C MET C 203 37.82 10.36 -9.32
N PHE C 204 36.54 10.44 -9.62
CA PHE C 204 35.83 11.69 -9.77
C PHE C 204 35.17 12.12 -8.42
N GLN C 205 34.53 13.27 -8.45
CA GLN C 205 33.86 13.79 -7.26
C GLN C 205 32.97 12.71 -6.64
N GLN C 206 32.97 12.65 -5.33
CA GLN C 206 32.28 11.62 -4.59
C GLN C 206 30.98 12.11 -3.94
N SER C 207 30.65 13.41 -4.04
CA SER C 207 29.50 13.93 -3.34
C SER C 207 28.19 13.51 -3.98
N TYR C 208 28.14 13.53 -5.32
CA TYR C 208 26.92 13.31 -6.08
C TYR C 208 27.08 12.09 -6.93
N ASN C 209 26.88 10.92 -6.33
CA ASN C 209 27.11 9.62 -7.00
C ASN C 209 25.86 8.70 -6.92
N HIS C 210 24.73 9.25 -6.56
CA HIS C 210 23.51 8.45 -6.41
C HIS C 210 23.08 7.88 -7.76
N GLY C 211 22.94 6.56 -7.80
CA GLY C 211 22.58 5.86 -8.99
C GLY C 211 23.71 5.31 -9.83
N ALA C 212 24.92 5.46 -9.34
CA ALA C 212 26.08 4.95 -10.09
C ALA C 212 26.01 3.43 -10.31
N GLY C 213 25.72 2.68 -9.27
CA GLY C 213 25.71 1.22 -9.38
C GLY C 213 24.62 0.76 -10.34
N CYS C 214 23.41 1.30 -10.14
CA CYS C 214 22.30 0.89 -11.01
C CYS C 214 22.62 1.22 -12.47
N THR C 215 23.17 2.42 -12.68
CA THR C 215 23.51 2.86 -14.05
C THR C 215 24.56 1.92 -14.68
N PHE C 216 25.57 1.54 -13.92
CA PHE C 216 26.60 0.65 -14.41
C PHE C 216 25.96 -0.68 -14.88
N ALA C 217 25.13 -1.28 -14.03
CA ALA C 217 24.52 -2.52 -14.40
C ALA C 217 23.54 -2.40 -15.57
N ALA C 218 22.78 -1.30 -15.61
CA ALA C 218 21.88 -1.07 -16.72
C ALA C 218 22.64 -0.90 -18.03
N ALA C 219 23.74 -0.14 -17.98
CA ALA C 219 24.56 0.03 -19.17
C ALA C 219 25.15 -1.31 -19.64
N THR C 220 25.67 -2.10 -18.72
CA THR C 220 26.24 -3.39 -19.09
C THR C 220 25.16 -4.20 -19.85
N THR C 221 23.92 -4.16 -19.36
CA THR C 221 22.84 -4.96 -19.93
C THR C 221 22.53 -4.49 -21.38
N ALA C 222 22.45 -3.19 -21.59
CA ALA C 222 22.18 -2.63 -22.91
C ALA C 222 23.32 -2.87 -23.88
N TYR C 223 24.55 -2.74 -23.40
CA TYR C 223 25.71 -3.02 -24.26
C TYR C 223 25.77 -4.49 -24.71
N LEU C 224 25.47 -5.40 -23.80
CA LEU C 224 25.34 -6.82 -24.16
C LEU C 224 24.23 -7.00 -25.18
N ALA C 225 23.07 -6.41 -24.92
CA ALA C 225 21.92 -6.62 -25.84
C ALA C 225 22.26 -6.12 -27.25
N ASN C 226 23.00 -5.02 -27.34
CA ASN C 226 23.41 -4.45 -28.63
C ASN C 226 24.63 -5.11 -29.27
N GLY C 227 25.17 -6.15 -28.64
CA GLY C 227 26.13 -7.04 -29.30
C GLY C 227 27.55 -7.03 -28.82
N LYS C 228 27.83 -6.27 -27.77
CA LYS C 228 29.17 -6.29 -27.15
C LYS C 228 29.36 -7.58 -26.33
N SER C 229 30.57 -8.10 -26.34
CA SER C 229 30.97 -9.24 -25.50
C SER C 229 30.87 -8.79 -24.05
N PRO C 230 30.82 -9.74 -23.10
CA PRO C 230 30.80 -9.30 -21.70
C PRO C 230 31.95 -8.39 -21.29
N LYS C 231 33.19 -8.70 -21.68
CA LYS C 231 34.32 -7.83 -21.31
C LYS C 231 34.17 -6.43 -21.88
N GLU C 232 33.79 -6.37 -23.16
CA GLU C 232 33.59 -5.07 -23.79
C GLU C 232 32.41 -4.28 -23.22
N ALA C 233 31.36 -5.00 -22.86
CA ALA C 233 30.18 -4.39 -22.24
C ALA C 233 30.54 -3.77 -20.90
N VAL C 234 31.36 -4.43 -20.08
CA VAL C 234 31.72 -3.94 -18.79
CA VAL C 234 31.67 -3.87 -18.78
C VAL C 234 32.67 -2.74 -18.94
N ILE C 235 33.59 -2.83 -19.89
CA ILE C 235 34.49 -1.71 -20.14
C ILE C 235 33.70 -0.48 -20.58
N SER C 236 32.78 -0.70 -21.52
CA SER C 236 31.92 0.37 -22.02
C SER C 236 31.02 0.94 -20.92
N ALA C 237 30.46 0.08 -20.08
CA ALA C 237 29.63 0.48 -18.98
C ALA C 237 30.39 1.33 -17.98
N LYS C 238 31.65 0.98 -17.75
CA LYS C 238 32.48 1.81 -16.85
C LYS C 238 32.69 3.21 -17.41
N ALA C 239 32.99 3.29 -18.70
CA ALA C 239 33.13 4.59 -19.34
C ALA C 239 31.83 5.40 -19.25
N PHE C 240 30.72 4.73 -19.50
CA PHE C 240 29.40 5.37 -19.50
C PHE C 240 29.09 5.96 -18.11
N VAL C 241 29.30 5.12 -17.10
CA VAL C 241 28.99 5.56 -15.72
C VAL C 241 30.01 6.59 -15.24
N ALA C 242 31.24 6.51 -15.78
CA ALA C 242 32.27 7.45 -15.36
C ALA C 242 31.83 8.85 -15.77
N SER C 243 31.33 9.00 -17.00
CA SER C 243 30.84 10.29 -17.45
CA SER C 243 30.82 10.31 -17.45
C SER C 243 29.67 10.77 -16.59
N ALA C 244 28.76 9.85 -16.28
CA ALA C 244 27.61 10.19 -15.46
C ALA C 244 28.01 10.69 -14.08
N ILE C 245 29.01 10.05 -13.48
CA ILE C 245 29.53 10.46 -12.17
C ILE C 245 30.25 11.81 -12.28
N LYS C 246 31.14 11.96 -13.26
CA LYS C 246 31.89 13.19 -13.43
C LYS C 246 30.93 14.41 -13.45
N ASN C 247 29.76 14.17 -14.06
CA ASN C 247 28.72 15.19 -14.25
C ASN C 247 27.55 15.18 -13.23
N GLY C 248 27.75 14.49 -12.12
CA GLY C 248 26.77 14.46 -11.04
C GLY C 248 26.47 15.82 -10.49
N TRP C 249 25.27 15.99 -9.92
CA TRP C 249 24.82 17.28 -9.46
C TRP C 249 24.06 17.19 -8.17
N LYS C 250 23.99 18.33 -7.46
CA LYS C 250 23.36 18.41 -6.15
C LYS C 250 21.85 18.59 -6.23
N MET C 251 21.09 17.59 -5.76
CA MET C 251 19.62 17.67 -5.79
C MET C 251 19.09 18.40 -4.52
N ASN C 252 19.61 17.98 -3.37
CA ASN C 252 19.35 18.64 -2.09
C ASN C 252 20.51 18.34 -1.13
N ASP C 253 20.35 18.62 0.16
CA ASP C 253 21.46 18.40 1.09
C ASP C 253 21.78 16.94 1.33
N PHE C 254 20.85 16.06 0.95
CA PHE C 254 20.94 14.63 1.23
C PHE C 254 21.41 13.78 0.06
N VAL C 255 21.23 14.25 -1.18
CA VAL C 255 21.52 13.40 -2.32
C VAL C 255 21.88 14.22 -3.55
N GLY C 256 22.63 13.58 -4.44
CA GLY C 256 22.91 14.18 -5.74
C GLY C 256 23.09 13.05 -6.73
N PRO C 257 22.30 13.03 -7.80
CA PRO C 257 22.39 11.92 -8.75
C PRO C 257 23.49 12.06 -9.80
N VAL C 258 23.91 10.93 -10.34
CA VAL C 258 24.70 10.91 -11.56
C VAL C 258 23.87 11.44 -12.73
N ASP C 259 24.55 11.95 -13.74
CA ASP C 259 23.87 12.47 -14.94
C ASP C 259 23.89 11.37 -16.00
N HIS C 260 22.81 10.60 -16.06
CA HIS C 260 22.76 9.38 -16.88
C HIS C 260 23.09 9.64 -18.34
N GLY C 261 22.76 10.84 -18.83
CA GLY C 261 22.98 11.16 -20.21
C GLY C 261 24.33 11.77 -20.53
N ALA C 262 25.19 11.90 -19.52
CA ALA C 262 26.43 12.62 -19.74
C ALA C 262 27.34 12.01 -20.78
N TYR C 263 27.38 10.70 -20.88
CA TYR C 263 28.26 10.08 -21.84
C TYR C 263 28.03 10.56 -23.27
N ASN C 264 26.76 10.76 -23.62
CA ASN C 264 26.42 11.18 -24.96
C ASN C 264 26.36 12.69 -25.16
N ARG C 265 26.26 13.42 -24.08
CA ARG C 265 25.83 14.79 -24.22
C ARG C 265 27.01 15.64 -23.90
N ILE C 266 27.89 15.07 -23.09
CA ILE C 266 28.89 15.87 -22.46
C ILE C 266 30.25 15.39 -22.88
N GLU C 267 30.61 14.16 -22.69
CA GLU C 267 31.89 13.71 -23.20
C GLU C 267 32.23 12.16 -22.94
N HIS C 268 33.31 11.74 -23.59
CA HIS C 268 33.89 10.38 -23.53
C HIS C 268 35.17 10.30 -22.68
N ILE C 269 35.12 9.41 -21.69
CA ILE C 269 36.24 9.10 -20.77
C ILE C 269 36.86 7.75 -21.12
N ASP C 270 38.18 7.68 -21.05
CA ASP C 270 38.90 6.44 -21.36
C ASP C 270 39.04 5.49 -20.16
N VAL C 271 38.92 4.21 -20.42
CA VAL C 271 39.11 3.22 -19.38
C VAL C 271 40.41 2.46 -19.59
N GLU C 272 41.24 2.44 -18.56
CA GLU C 272 42.49 1.68 -18.63
C GLU C 272 42.23 0.25 -18.19
N VAL C 273 42.81 -0.70 -18.94
CA VAL C 273 42.61 -2.12 -18.72
C VAL C 273 43.97 -2.78 -18.58
N THR C 274 44.17 -3.50 -17.46
CA THR C 274 45.40 -4.24 -17.22
C THR C 274 45.04 -5.66 -16.74
N GLU C 275 45.78 -6.66 -17.17
CA GLU C 275 45.68 -8.00 -16.57
C GLU C 275 46.37 -8.03 -15.24
N VAL C 276 45.74 -8.67 -14.26
CA VAL C 276 46.32 -8.69 -12.90
C VAL C 276 46.25 -10.08 -12.30
N GLY D 1 -6.20 -14.81 -3.58
CA GLY D 1 -7.53 -15.31 -3.19
C GLY D 1 -8.05 -14.58 -1.95
N ALA D 2 -8.91 -15.24 -1.22
CA ALA D 2 -9.65 -14.60 -0.17
C ALA D 2 -8.75 -14.25 1.03
N LEU D 3 -9.22 -13.29 1.80
CA LEU D 3 -8.62 -13.01 3.08
C LEU D 3 -8.59 -14.29 3.92
N LYS D 4 -7.48 -14.51 4.59
CA LYS D 4 -7.33 -15.58 5.53
C LYS D 4 -8.10 -15.24 6.81
N LYS D 5 -8.81 -16.24 7.34
CA LYS D 5 -9.63 -16.08 8.54
C LYS D 5 -8.82 -16.48 9.76
N VAL D 6 -8.59 -15.51 10.63
CA VAL D 6 -7.74 -15.73 11.79
C VAL D 6 -8.52 -15.48 13.08
N LEU D 7 -8.63 -16.52 13.93
CA LEU D 7 -9.41 -16.47 15.15
C LEU D 7 -8.46 -16.31 16.32
N THR D 8 -8.81 -15.40 17.21
CA THR D 8 -8.16 -15.35 18.52
C THR D 8 -9.18 -15.79 19.58
N ILE D 9 -8.66 -16.55 20.56
CA ILE D 9 -9.40 -16.94 21.74
C ILE D 9 -8.75 -16.17 22.85
N ALA D 10 -9.45 -15.16 23.37
CA ALA D 10 -8.89 -14.20 24.28
C ALA D 10 -9.96 -13.36 24.95
N GLY D 11 -9.56 -12.62 25.98
CA GLY D 11 -10.47 -11.72 26.66
C GLY D 11 -10.38 -10.29 26.12
N SER D 12 -11.33 -9.47 26.52
CA SER D 12 -11.33 -8.08 26.17
C SER D 12 -10.53 -7.29 27.17
N ASP D 13 -9.57 -6.55 26.66
CA ASP D 13 -8.81 -5.54 27.43
C ASP D 13 -9.49 -4.22 27.19
N THR D 14 -10.28 -3.75 28.13
CA THR D 14 -11.06 -2.54 27.88
C THR D 14 -10.15 -1.38 27.46
N SER D 15 -8.93 -1.30 28.01
CA SER D 15 -8.01 -0.20 27.65
C SER D 15 -7.56 -0.25 26.17
N ALA D 16 -7.72 -1.42 25.56
CA ALA D 16 -7.66 -1.64 24.11
C ALA D 16 -6.25 -1.74 23.55
N GLY D 17 -5.25 -1.94 24.41
CA GLY D 17 -3.87 -2.11 23.91
C GLY D 17 -3.41 -3.54 23.81
N ALA D 18 -4.00 -4.41 24.63
CA ALA D 18 -3.67 -5.82 24.66
C ALA D 18 -4.92 -6.65 24.43
N GLY D 19 -4.93 -7.91 24.81
CA GLY D 19 -6.12 -8.74 24.70
C GLY D 19 -6.57 -8.88 23.25
N MET D 20 -7.84 -9.19 23.09
CA MET D 20 -8.44 -9.39 21.79
C MET D 20 -8.35 -8.12 20.93
N GLN D 21 -8.31 -6.95 21.57
CA GLN D 21 -8.16 -5.70 20.85
C GLN D 21 -6.86 -5.66 20.08
N ALA D 22 -5.76 -5.97 20.77
CA ALA D 22 -4.47 -6.03 20.07
C ALA D 22 -4.50 -7.04 18.95
N ASP D 23 -5.13 -8.18 19.21
CA ASP D 23 -5.23 -9.23 18.21
C ASP D 23 -5.95 -8.74 16.98
N LEU D 24 -7.16 -8.26 17.17
CA LEU D 24 -7.95 -7.81 16.00
C LEU D 24 -7.29 -6.67 15.25
N LYS D 25 -6.68 -5.72 15.98
CA LYS D 25 -6.02 -4.60 15.34
C LYS D 25 -4.82 -5.10 14.50
N THR D 26 -4.05 -6.04 15.05
CA THR D 26 -2.91 -6.59 14.38
C THR D 26 -3.28 -7.43 13.16
N PHE D 27 -4.31 -8.25 13.29
CA PHE D 27 -4.83 -9.03 12.21
C PHE D 27 -5.25 -8.08 11.10
N GLN D 28 -5.85 -6.94 11.44
CA GLN D 28 -6.36 -6.01 10.42
C GLN D 28 -5.18 -5.37 9.71
N GLU D 29 -4.19 -4.91 10.49
CA GLU D 29 -2.97 -4.36 9.91
C GLU D 29 -2.28 -5.28 8.92
N LEU D 30 -2.39 -6.59 9.15
CA LEU D 30 -1.71 -7.56 8.34
C LEU D 30 -2.63 -8.21 7.32
N ASP D 31 -3.72 -7.52 7.00
CA ASP D 31 -4.51 -7.91 5.84
C ASP D 31 -5.06 -9.34 5.97
N THR D 32 -5.58 -9.65 7.17
CA THR D 32 -6.32 -10.88 7.43
C THR D 32 -7.69 -10.50 7.95
N TYR D 33 -8.57 -11.52 7.98
CA TYR D 33 -9.92 -11.31 8.50
C TYR D 33 -9.95 -11.78 9.97
N GLY D 34 -9.94 -10.82 10.90
CA GLY D 34 -9.87 -11.15 12.28
C GLY D 34 -11.20 -11.52 12.90
N MET D 35 -11.14 -12.52 13.76
CA MET D 35 -12.30 -12.99 14.50
C MET D 35 -11.90 -13.22 15.96
N VAL D 36 -12.86 -13.14 16.85
CA VAL D 36 -12.61 -13.40 18.27
C VAL D 36 -13.71 -14.27 18.94
N ALA D 37 -13.27 -15.17 19.82
CA ALA D 37 -14.14 -15.81 20.77
C ALA D 37 -13.75 -15.32 22.15
N LEU D 38 -14.61 -14.49 22.74
CA LEU D 38 -14.30 -13.79 24.00
C LEU D 38 -14.47 -14.71 25.21
N THR D 39 -13.48 -14.66 26.09
CA THR D 39 -13.46 -15.46 27.30
C THR D 39 -13.84 -14.68 28.57
N ALA D 40 -13.60 -13.38 28.56
CA ALA D 40 -13.62 -12.56 29.76
C ALA D 40 -13.59 -11.12 29.36
N ILE D 41 -13.91 -10.26 30.32
CA ILE D 41 -13.79 -8.83 30.11
C ILE D 41 -12.94 -8.27 31.26
N VAL D 42 -11.86 -7.57 30.91
CA VAL D 42 -10.95 -6.95 31.88
C VAL D 42 -11.17 -5.46 31.87
N THR D 43 -11.39 -4.90 33.05
CA THR D 43 -11.57 -3.49 33.25
C THR D 43 -10.55 -2.97 34.25
N MET D 44 -10.42 -1.64 34.32
CA MET D 44 -9.37 -1.02 35.11
C MET D 44 -9.95 0.11 35.95
N ASP D 45 -9.57 0.18 37.22
CA ASP D 45 -10.05 1.23 38.10
C ASP D 45 -9.49 2.58 37.64
N LYS D 46 -10.34 3.59 37.64
CA LYS D 46 -9.94 4.91 37.11
C LYS D 46 -8.85 5.60 37.93
N ASP D 47 -8.75 5.22 39.21
CA ASP D 47 -7.80 5.85 40.12
C ASP D 47 -6.48 5.12 40.33
N THR D 48 -6.47 3.80 40.22
CA THR D 48 -5.26 2.99 40.48
C THR D 48 -4.88 2.12 39.31
N TRP D 49 -5.79 2.00 38.34
CA TRP D 49 -5.58 1.13 37.19
C TRP D 49 -5.53 -0.35 37.56
N SER D 50 -5.99 -0.67 38.77
CA SER D 50 -6.07 -2.09 39.19
C SER D 50 -7.06 -2.83 38.29
N HIS D 51 -6.68 -4.02 37.87
CA HIS D 51 -7.49 -4.83 36.94
C HIS D 51 -8.59 -5.58 37.67
N ASP D 52 -9.71 -5.70 36.98
CA ASP D 52 -10.85 -6.53 37.42
C ASP D 52 -11.22 -7.39 36.25
N VAL D 53 -11.12 -8.69 36.45
CA VAL D 53 -11.42 -9.67 35.42
C VAL D 53 -12.81 -10.21 35.65
N THR D 54 -13.69 -10.03 34.67
CA THR D 54 -15.04 -10.61 34.73
C THR D 54 -15.13 -11.75 33.74
N PRO D 55 -15.28 -12.99 34.23
CA PRO D 55 -15.45 -14.12 33.27
C PRO D 55 -16.76 -14.04 32.52
N LEU D 56 -16.76 -14.49 31.28
CA LEU D 56 -17.98 -14.69 30.53
C LEU D 56 -18.47 -16.11 30.84
N PRO D 57 -19.79 -16.31 30.84
CA PRO D 57 -20.35 -17.65 31.05
C PRO D 57 -19.81 -18.64 30.04
N MET D 58 -19.58 -19.87 30.46
CA MET D 58 -19.12 -20.89 29.53
C MET D 58 -20.06 -21.13 28.40
N ASP D 59 -21.35 -20.96 28.61
CA ASP D 59 -22.24 -21.25 27.50
CA ASP D 59 -22.33 -21.16 27.54
C ASP D 59 -22.07 -20.22 26.38
N VAL D 60 -21.82 -18.95 26.70
CA VAL D 60 -21.60 -17.94 25.66
CA VAL D 60 -21.55 -17.91 25.71
C VAL D 60 -20.21 -18.15 25.02
N PHE D 61 -19.23 -18.61 25.81
CA PHE D 61 -17.93 -18.97 25.26
C PHE D 61 -18.10 -20.08 24.24
N GLU D 62 -18.86 -21.11 24.60
CA GLU D 62 -19.08 -22.25 23.73
C GLU D 62 -19.87 -21.85 22.45
N LYS D 63 -20.91 -21.02 22.59
CA LYS D 63 -21.68 -20.54 21.43
CA LYS D 63 -21.67 -20.58 21.41
C LYS D 63 -20.82 -19.74 20.46
N GLN D 64 -19.87 -18.95 21.00
CA GLN D 64 -18.95 -18.23 20.10
C GLN D 64 -18.06 -19.17 19.36
N LEU D 65 -17.52 -20.18 20.06
CA LEU D 65 -16.68 -21.21 19.41
C LEU D 65 -17.43 -21.92 18.30
N GLU D 66 -18.70 -22.24 18.53
CA GLU D 66 -19.48 -22.92 17.51
CA GLU D 66 -19.48 -22.93 17.51
C GLU D 66 -19.61 -22.06 16.25
N THR D 67 -19.90 -20.77 16.42
CA THR D 67 -19.93 -19.88 15.28
C THR D 67 -18.61 -19.78 14.54
N ALA D 68 -17.54 -19.57 15.26
CA ALA D 68 -16.21 -19.47 14.67
C ALA D 68 -15.82 -20.76 13.95
N LEU D 69 -16.09 -21.94 14.55
CA LEU D 69 -15.73 -23.23 13.95
C LEU D 69 -16.50 -23.43 12.64
N SER D 70 -17.75 -23.00 12.64
CA SER D 70 -18.57 -23.06 11.44
C SER D 70 -17.99 -22.23 10.30
N ILE D 71 -17.53 -21.03 10.61
CA ILE D 71 -16.94 -20.14 9.61
C ILE D 71 -15.63 -20.76 9.06
N GLY D 72 -14.87 -21.40 9.94
CA GLY D 72 -13.71 -22.16 9.56
C GLY D 72 -12.45 -21.32 9.52
N PRO D 73 -11.76 -21.17 10.64
CA PRO D 73 -10.54 -20.35 10.65
C PRO D 73 -9.41 -21.05 9.87
N ASP D 74 -8.58 -20.25 9.24
CA ASP D 74 -7.35 -20.71 8.65
C ASP D 74 -6.21 -20.81 9.67
N ALA D 75 -6.31 -20.02 10.73
CA ALA D 75 -5.33 -19.96 11.80
C ALA D 75 -6.04 -19.59 13.09
N ILE D 76 -5.51 -20.07 14.21
CA ILE D 76 -6.02 -19.77 15.53
C ILE D 76 -4.85 -19.40 16.43
N LYS D 77 -5.05 -18.30 17.20
CA LYS D 77 -4.20 -17.87 18.28
C LYS D 77 -4.92 -18.04 19.59
N THR D 78 -4.21 -18.49 20.62
CA THR D 78 -4.70 -18.41 21.99
C THR D 78 -3.95 -17.35 22.73
N GLY D 79 -4.69 -16.49 23.42
CA GLY D 79 -4.16 -15.51 24.33
C GLY D 79 -4.31 -16.05 25.76
N MET D 80 -4.38 -15.14 26.72
CA MET D 80 -4.52 -15.56 28.11
CA MET D 80 -4.55 -15.52 28.13
C MET D 80 -5.86 -16.27 28.32
N LEU D 81 -5.76 -17.54 28.75
CA LEU D 81 -6.89 -18.38 29.01
C LEU D 81 -6.85 -18.65 30.55
N GLY D 82 -7.95 -18.40 31.21
CA GLY D 82 -7.95 -18.33 32.66
C GLY D 82 -8.20 -19.64 33.38
N THR D 83 -8.74 -20.63 32.67
CA THR D 83 -9.16 -21.87 33.29
C THR D 83 -8.71 -23.08 32.47
N GLU D 84 -8.58 -24.21 33.17
CA GLU D 84 -8.24 -25.48 32.53
C GLU D 84 -9.29 -25.89 31.50
N GLU D 85 -10.56 -25.64 31.80
CA GLU D 85 -11.65 -25.96 30.91
C GLU D 85 -11.49 -25.20 29.58
N ILE D 86 -11.18 -23.91 29.66
CA ILE D 86 -11.00 -23.09 28.46
C ILE D 86 -9.75 -23.52 27.67
N ILE D 87 -8.67 -23.82 28.42
CA ILE D 87 -7.44 -24.31 27.80
C ILE D 87 -7.72 -25.58 26.98
N LYS D 88 -8.39 -26.55 27.60
CA LYS D 88 -8.73 -27.81 26.95
C LYS D 88 -9.63 -27.57 25.74
N ARG D 89 -10.63 -26.69 25.88
CA ARG D 89 -11.54 -26.39 24.75
C ARG D 89 -10.83 -25.75 23.58
N ALA D 90 -9.89 -24.86 23.87
CA ALA D 90 -9.12 -24.20 22.82
C ALA D 90 -8.36 -25.21 21.97
N GLY D 91 -7.70 -26.16 22.61
CA GLY D 91 -7.02 -27.17 21.83
C GLY D 91 -7.99 -28.00 21.01
N GLU D 92 -9.14 -28.28 21.60
CA GLU D 92 -10.19 -29.09 20.90
C GLU D 92 -10.79 -28.36 19.68
N VAL D 93 -10.98 -27.05 19.79
CA VAL D 93 -11.55 -26.30 18.66
C VAL D 93 -10.50 -26.32 17.51
N TYR D 94 -9.21 -26.16 17.85
CA TYR D 94 -8.19 -26.21 16.79
C TYR D 94 -8.21 -27.58 16.08
N GLU D 95 -8.22 -28.66 16.87
CA GLU D 95 -8.22 -29.97 16.26
CA GLU D 95 -8.35 -30.06 16.38
C GLU D 95 -9.52 -30.22 15.45
N ALA D 96 -10.68 -29.66 15.85
CA ALA D 96 -11.93 -29.85 15.12
C ALA D 96 -11.97 -29.04 13.81
N SER D 97 -11.25 -27.93 13.81
CA SER D 97 -11.20 -27.02 12.67
C SER D 97 -10.33 -27.59 11.55
N ASN D 98 -10.37 -26.93 10.39
CA ASN D 98 -9.39 -27.29 9.34
C ASN D 98 -8.28 -26.29 9.34
N ALA D 99 -8.04 -25.65 10.48
CA ALA D 99 -6.96 -24.66 10.51
C ALA D 99 -5.59 -25.34 10.40
N GLN D 100 -4.65 -24.74 9.65
CA GLN D 100 -3.28 -25.29 9.52
C GLN D 100 -2.30 -24.75 10.55
N TYR D 101 -2.68 -23.66 11.23
CA TYR D 101 -1.76 -22.94 12.11
C TYR D 101 -2.41 -22.70 13.46
N PHE D 102 -1.65 -23.03 14.52
CA PHE D 102 -2.08 -22.82 15.88
C PHE D 102 -0.92 -22.14 16.61
N VAL D 103 -1.17 -20.92 17.05
CA VAL D 103 -0.18 -20.17 17.77
C VAL D 103 -0.64 -20.02 19.19
N VAL D 104 0.16 -20.58 20.10
CA VAL D 104 -0.16 -20.61 21.52
C VAL D 104 0.73 -19.58 22.24
N ASP D 105 0.10 -18.54 22.80
CA ASP D 105 0.79 -17.60 23.63
C ASP D 105 0.50 -18.02 25.10
N PRO D 106 1.49 -18.66 25.78
CA PRO D 106 1.23 -19.38 27.00
C PRO D 106 1.21 -18.45 28.23
N VAL D 107 0.26 -17.52 28.25
CA VAL D 107 0.27 -16.46 29.20
C VAL D 107 0.02 -16.97 30.61
N MET D 108 0.90 -16.60 31.52
CA MET D 108 0.79 -16.96 32.92
C MET D 108 0.67 -15.71 33.78
N VAL D 109 -0.01 -15.85 34.93
CA VAL D 109 -0.16 -14.77 35.95
C VAL D 109 0.85 -14.96 37.09
N CYS D 110 1.81 -14.04 37.22
CA CYS D 110 2.75 -14.07 38.34
C CYS D 110 2.05 -13.84 39.67
N LYS D 111 2.46 -14.56 40.72
CA LYS D 111 1.92 -14.37 42.07
C LYS D 111 2.71 -13.30 42.81
N GLU D 115 6.70 -17.85 40.96
CA GLU D 115 5.40 -18.44 41.29
C GLU D 115 4.29 -17.96 40.34
N VAL D 116 3.34 -18.84 40.03
CA VAL D 116 2.16 -18.49 39.25
C VAL D 116 0.88 -18.66 40.04
N LEU D 117 -0.10 -17.86 39.67
CA LEU D 117 -1.49 -18.15 40.00
C LEU D 117 -1.87 -19.30 39.06
N ASN D 118 -2.51 -20.32 39.59
CA ASN D 118 -2.99 -21.45 38.76
C ASN D 118 -1.88 -22.32 38.13
N PRO D 119 -1.05 -22.97 38.97
CA PRO D 119 -0.05 -23.90 38.39
C PRO D 119 -0.68 -25.02 37.58
N GLY D 120 -1.94 -25.36 37.91
CA GLY D 120 -2.68 -26.35 37.14
C GLY D 120 -2.84 -25.93 35.70
N ASN D 121 -2.94 -24.63 35.48
CA ASN D 121 -3.05 -24.15 34.11
C ASN D 121 -1.76 -24.32 33.29
N THR D 122 -0.62 -24.24 33.94
CA THR D 122 0.64 -24.55 33.27
C THR D 122 0.66 -26.00 32.81
N GLU D 123 0.24 -26.90 33.71
CA GLU D 123 0.18 -28.31 33.39
C GLU D 123 -0.83 -28.52 32.24
N ALA D 124 -1.95 -27.83 32.28
CA ALA D 124 -2.96 -27.94 31.22
C ALA D 124 -2.42 -27.47 29.88
N MET D 125 -1.68 -26.35 29.88
CA MET D 125 -1.13 -25.88 28.61
C MET D 125 -0.16 -26.90 28.01
N ILE D 126 0.66 -27.45 28.90
CA ILE D 126 1.59 -28.50 28.48
C ILE D 126 0.86 -29.74 27.93
N LYS D 127 -0.24 -30.16 28.57
CA LYS D 127 -0.93 -31.35 28.13
C LYS D 127 -1.74 -31.15 26.82
N TYR D 128 -2.46 -30.01 26.75
CA TYR D 128 -3.47 -29.77 25.73
C TYR D 128 -3.00 -28.92 24.58
N LEU D 129 -2.13 -27.94 24.84
CA LEU D 129 -1.78 -26.90 23.83
C LEU D 129 -0.43 -27.12 23.19
N LEU D 130 0.61 -27.36 23.99
CA LEU D 130 1.97 -27.52 23.44
CA LEU D 130 1.95 -27.49 23.40
C LEU D 130 2.06 -28.54 22.29
N PRO D 131 1.41 -29.73 22.46
CA PRO D 131 1.57 -30.72 21.41
C PRO D 131 0.79 -30.44 20.13
N LYS D 132 -0.06 -29.43 20.13
CA LYS D 132 -0.80 -29.01 18.95
C LYS D 132 -0.21 -27.73 18.32
N ALA D 133 0.72 -27.06 19.01
CA ALA D 133 1.12 -25.72 18.63
C ALA D 133 2.04 -25.75 17.41
N THR D 134 1.72 -24.95 16.39
CA THR D 134 2.63 -24.67 15.32
C THR D 134 3.80 -23.88 15.90
N VAL D 135 3.47 -22.84 16.65
CA VAL D 135 4.45 -22.01 17.35
C VAL D 135 3.93 -21.74 18.75
N VAL D 136 4.79 -21.89 19.77
CA VAL D 136 4.47 -21.44 21.10
C VAL D 136 5.40 -20.28 21.45
N THR D 137 4.85 -19.24 22.09
CA THR D 137 5.54 -17.94 22.21
C THR D 137 5.67 -17.47 23.67
N PRO D 138 6.34 -18.29 24.51
CA PRO D 138 6.54 -17.85 25.89
C PRO D 138 7.44 -16.65 26.03
N ASN D 139 7.12 -15.77 26.96
CA ASN D 139 8.09 -14.81 27.40
C ASN D 139 9.12 -15.50 28.29
N LEU D 140 10.11 -14.74 28.76
CA LEU D 140 11.25 -15.33 29.43
C LEU D 140 10.78 -16.05 30.72
N PHE D 141 9.87 -15.43 31.46
CA PHE D 141 9.30 -16.05 32.65
C PHE D 141 8.56 -17.36 32.33
N GLU D 142 7.66 -17.28 31.35
CA GLU D 142 6.86 -18.43 30.98
C GLU D 142 7.72 -19.60 30.48
N ALA D 143 8.79 -19.28 29.77
CA ALA D 143 9.68 -20.31 29.23
C ALA D 143 10.34 -21.09 30.38
N GLY D 144 10.68 -20.39 31.45
CA GLY D 144 11.23 -21.05 32.63
C GLY D 144 10.22 -21.97 33.29
N GLN D 145 8.95 -21.53 33.28
CA GLN D 145 7.88 -22.32 33.85
C GLN D 145 7.57 -23.56 33.02
N LEU D 146 7.40 -23.37 31.71
CA LEU D 146 7.13 -24.49 30.80
C LEU D 146 8.25 -25.55 30.80
N SER D 147 9.49 -25.11 30.93
CA SER D 147 10.63 -25.99 30.79
C SER D 147 11.02 -26.62 32.12
N GLY D 148 10.56 -26.05 33.23
CA GLY D 148 10.98 -26.50 34.55
C GLY D 148 12.36 -26.05 34.99
N LEU D 149 13.00 -25.19 34.22
CA LEU D 149 14.33 -24.67 34.53
C LEU D 149 14.29 -23.50 35.52
N GLY D 150 13.12 -22.90 35.75
CA GLY D 150 13.05 -21.73 36.60
C GLY D 150 13.61 -20.55 35.87
N LYS D 151 14.21 -19.63 36.61
CA LYS D 151 14.58 -18.34 36.04
C LYS D 151 15.67 -18.46 34.97
N LEU D 152 15.37 -17.90 33.79
CA LEU D 152 16.32 -17.86 32.69
C LEU D 152 16.93 -16.49 32.56
N ASN D 153 18.25 -16.43 32.33
CA ASN D 153 18.88 -15.10 32.30
C ASN D 153 19.92 -14.90 31.18
N SER D 154 19.95 -15.83 30.21
CA SER D 154 20.94 -15.77 29.13
C SER D 154 20.39 -16.49 27.89
N ILE D 155 21.02 -16.23 26.76
CA ILE D 155 20.68 -16.91 25.52
C ILE D 155 20.91 -18.40 25.72
N GLU D 156 21.97 -18.78 26.44
CA GLU D 156 22.24 -20.22 26.66
C GLU D 156 21.12 -20.87 27.49
N ASP D 157 20.61 -20.16 28.49
CA ASP D 157 19.46 -20.64 29.29
C ASP D 157 18.24 -20.79 28.37
N MET D 158 18.05 -19.82 27.47
CA MET D 158 16.92 -19.85 26.54
C MET D 158 17.05 -21.03 25.58
N LYS D 159 18.26 -21.34 25.11
CA LYS D 159 18.49 -22.52 24.30
C LYS D 159 18.05 -23.81 25.00
N LYS D 160 18.37 -23.91 26.27
CA LYS D 160 18.02 -25.12 27.04
C LYS D 160 16.51 -25.21 27.18
N ALA D 161 15.89 -24.08 27.51
CA ALA D 161 14.43 -24.04 27.68
C ALA D 161 13.72 -24.38 26.36
N ALA D 162 14.22 -23.85 25.24
CA ALA D 162 13.58 -24.11 23.96
C ALA D 162 13.66 -25.60 23.58
N THR D 163 14.79 -26.23 23.85
CA THR D 163 14.98 -27.66 23.63
C THR D 163 13.91 -28.44 24.40
N ILE D 164 13.77 -28.13 25.69
CA ILE D 164 12.83 -28.82 26.57
C ILE D 164 11.37 -28.63 26.10
N ILE D 165 11.05 -27.40 25.73
CA ILE D 165 9.71 -27.06 25.28
C ILE D 165 9.39 -27.76 23.94
N PHE D 166 10.36 -27.79 23.02
CA PHE D 166 10.21 -28.54 21.78
C PHE D 166 9.97 -30.03 22.06
N ASP D 167 10.73 -30.60 22.98
CA ASP D 167 10.56 -32.00 23.37
C ASP D 167 9.19 -32.32 24.04
N LYS D 168 8.55 -31.30 24.59
CA LYS D 168 7.19 -31.42 25.11
C LYS D 168 6.09 -31.33 24.03
N GLY D 169 6.48 -31.15 22.77
CA GLY D 169 5.60 -31.27 21.63
C GLY D 169 5.39 -30.08 20.71
N ALA D 170 5.88 -28.89 21.05
CA ALA D 170 5.69 -27.70 20.22
C ALA D 170 6.58 -27.80 19.00
N GLN D 171 6.00 -27.58 17.82
CA GLN D 171 6.73 -27.74 16.56
C GLN D 171 7.85 -26.71 16.37
N HIS D 172 7.57 -25.52 16.85
CA HIS D 172 8.44 -24.36 16.80
C HIS D 172 8.26 -23.59 18.08
N VAL D 173 9.38 -23.09 18.58
CA VAL D 173 9.43 -22.37 19.87
C VAL D 173 10.08 -20.99 19.66
N ILE D 174 9.44 -19.91 20.13
CA ILE D 174 10.14 -18.62 20.19
C ILE D 174 10.07 -18.17 21.62
N ILE D 175 11.24 -18.09 22.25
CA ILE D 175 11.36 -17.57 23.60
C ILE D 175 11.74 -16.11 23.50
N LYS D 176 10.88 -15.24 24.00
CA LYS D 176 11.15 -13.81 23.97
C LYS D 176 12.03 -13.43 25.14
N GLY D 177 13.06 -12.66 24.84
CA GLY D 177 13.95 -12.12 25.87
C GLY D 177 13.57 -10.69 26.13
N GLY D 178 13.84 -9.82 25.16
CA GLY D 178 13.31 -8.48 25.22
C GLY D 178 13.88 -7.72 26.39
N LYS D 179 13.03 -6.85 26.93
CA LYS D 179 13.43 -6.04 28.07
C LYS D 179 13.61 -6.88 29.35
N ALA D 180 12.95 -8.04 29.42
CA ALA D 180 13.14 -8.92 30.58
C ALA D 180 14.53 -9.52 30.64
N LEU D 181 15.08 -9.80 29.48
CA LEU D 181 16.44 -10.33 29.41
C LEU D 181 17.47 -9.22 29.73
N ASP D 182 17.11 -7.97 29.46
CA ASP D 182 17.79 -6.81 30.03
C ASP D 182 19.23 -6.70 29.54
N GLN D 183 19.38 -6.73 28.22
CA GLN D 183 20.66 -6.55 27.53
CA GLN D 183 20.69 -6.52 27.61
C GLN D 183 20.61 -5.25 26.76
N ASP D 184 21.69 -4.89 26.09
CA ASP D 184 21.74 -3.61 25.40
C ASP D 184 20.76 -3.56 24.19
N LYS D 185 20.49 -4.73 23.64
CA LYS D 185 19.60 -4.94 22.54
C LYS D 185 18.51 -5.88 22.96
N SER D 186 17.48 -5.95 22.14
CA SER D 186 16.35 -6.83 22.39
C SER D 186 16.50 -8.15 21.67
N TYR D 187 16.73 -9.22 22.43
CA TYR D 187 16.96 -10.57 21.86
C TYR D 187 15.77 -11.47 22.12
N ASP D 188 15.37 -12.21 21.08
CA ASP D 188 14.49 -13.35 21.18
C ASP D 188 15.19 -14.57 20.58
N LEU D 189 14.74 -15.76 20.93
CA LEU D 189 15.35 -16.99 20.44
C LEU D 189 14.32 -17.92 19.81
N TYR D 190 14.53 -18.25 18.55
CA TYR D 190 13.67 -19.15 17.79
C TYR D 190 14.36 -20.50 17.63
N TYR D 191 13.57 -21.56 17.72
CA TYR D 191 14.07 -22.92 17.62
C TYR D 191 13.09 -23.79 16.86
N ASP D 192 13.60 -24.53 15.87
CA ASP D 192 12.77 -25.43 15.09
C ASP D 192 13.09 -26.93 15.29
N GLY D 193 13.78 -27.26 16.37
CA GLY D 193 14.24 -28.63 16.62
C GLY D 193 15.58 -28.98 16.02
N GLN D 194 16.10 -28.11 15.16
CA GLN D 194 17.40 -28.32 14.52
C GLN D 194 18.35 -27.17 14.74
N THR D 195 17.89 -25.94 14.57
CA THR D 195 18.76 -24.78 14.59
C THR D 195 18.16 -23.73 15.54
N PHE D 196 19.03 -23.06 16.27
CA PHE D 196 18.67 -21.94 17.10
C PHE D 196 19.02 -20.66 16.38
N TYR D 197 18.04 -19.77 16.27
CA TYR D 197 18.25 -18.45 15.72
C TYR D 197 17.95 -17.37 16.74
N GLN D 198 18.93 -16.50 16.94
CA GLN D 198 18.79 -15.30 17.72
C GLN D 198 18.28 -14.19 16.81
N LEU D 199 17.21 -13.57 17.26
CA LEU D 199 16.59 -12.44 16.59
C LEU D 199 16.85 -11.20 17.43
N THR D 200 17.34 -10.15 16.79
CA THR D 200 17.76 -8.95 17.50
C THR D 200 17.18 -7.68 16.88
N THR D 201 16.65 -6.81 17.72
CA THR D 201 16.42 -5.41 17.37
C THR D 201 17.05 -4.51 18.44
N ASP D 202 17.03 -3.20 18.17
CA ASP D 202 17.27 -2.22 19.20
C ASP D 202 16.32 -2.44 20.38
N MET D 203 16.73 -2.00 21.56
CA MET D 203 15.84 -1.93 22.75
C MET D 203 15.28 -0.54 22.82
N PHE D 204 13.96 -0.41 22.71
CA PHE D 204 13.27 0.87 22.73
C PHE D 204 12.76 1.19 24.15
N GLN D 205 12.16 2.36 24.29
CA GLN D 205 11.57 2.78 25.54
C GLN D 205 10.69 1.68 26.13
N GLN D 206 10.77 1.57 27.45
CA GLN D 206 10.11 0.50 28.21
C GLN D 206 8.86 0.94 28.91
N SER D 207 8.58 2.24 28.93
CA SER D 207 7.44 2.76 29.74
C SER D 207 6.07 2.42 29.16
N TYR D 208 5.98 2.49 27.83
CA TYR D 208 4.69 2.34 27.14
C TYR D 208 4.78 1.13 26.25
N ASN D 209 4.68 -0.06 26.86
CA ASN D 209 4.82 -1.33 26.15
C ASN D 209 3.60 -2.22 26.30
N HIS D 210 2.48 -1.68 26.76
CA HIS D 210 1.29 -2.50 26.96
C HIS D 210 0.77 -3.07 25.66
N GLY D 211 0.59 -4.38 25.63
CA GLY D 211 0.17 -5.10 24.45
C GLY D 211 1.27 -5.64 23.59
N ALA D 212 2.53 -5.48 24.00
CA ALA D 212 3.65 -5.98 23.17
C ALA D 212 3.57 -7.52 22.99
N GLY D 213 3.33 -8.25 24.07
CA GLY D 213 3.27 -9.70 24.00
C GLY D 213 2.14 -10.18 23.13
N CYS D 214 0.94 -9.60 23.34
CA CYS D 214 -0.21 -10.01 22.54
C CYS D 214 0.02 -9.72 21.04
N THR D 215 0.57 -8.55 20.78
CA THR D 215 0.80 -8.12 19.42
C THR D 215 1.82 -9.01 18.71
N PHE D 216 2.86 -9.41 19.42
CA PHE D 216 3.85 -10.31 18.82
C PHE D 216 3.22 -11.64 18.38
N ALA D 217 2.42 -12.26 19.27
CA ALA D 217 1.78 -13.51 18.94
C ALA D 217 0.75 -13.34 17.84
N ALA D 218 0.00 -12.24 17.90
CA ALA D 218 -1.00 -11.98 16.86
C ALA D 218 -0.33 -11.83 15.50
N ALA D 219 0.78 -11.08 15.44
CA ALA D 219 1.48 -10.85 14.19
C ALA D 219 1.98 -12.21 13.66
N THR D 220 2.57 -13.01 14.53
CA THR D 220 3.07 -14.33 14.14
C THR D 220 1.96 -15.12 13.46
N THR D 221 0.76 -15.11 14.06
CA THR D 221 -0.34 -15.88 13.55
C THR D 221 -0.75 -15.38 12.16
N ALA D 222 -0.89 -14.06 12.00
CA ALA D 222 -1.30 -13.50 10.68
C ALA D 222 -0.23 -13.77 9.61
N TYR D 223 1.05 -13.65 9.98
CA TYR D 223 2.12 -13.92 9.02
C TYR D 223 2.12 -15.38 8.60
N LEU D 224 1.90 -16.30 9.53
CA LEU D 224 1.72 -17.73 9.18
C LEU D 224 0.56 -17.89 8.21
N ALA D 225 -0.58 -17.33 8.55
CA ALA D 225 -1.79 -17.52 7.75
C ALA D 225 -1.57 -17.05 6.31
N ASN D 226 -0.81 -15.96 6.17
CA ASN D 226 -0.52 -15.42 4.85
C ASN D 226 0.65 -16.04 4.09
N GLY D 227 1.26 -17.09 4.66
CA GLY D 227 2.15 -17.95 3.88
C GLY D 227 3.61 -17.93 4.27
N LYS D 228 3.95 -17.17 5.31
CA LYS D 228 5.34 -17.23 5.80
C LYS D 228 5.63 -18.50 6.61
N SER D 229 6.83 -19.04 6.47
CA SER D 229 7.25 -20.13 7.32
C SER D 229 7.29 -19.67 8.80
N PRO D 230 7.30 -20.62 9.74
CA PRO D 230 7.40 -20.21 11.16
C PRO D 230 8.58 -19.31 11.43
N LYS D 231 9.73 -19.59 10.83
CA LYS D 231 10.92 -18.76 11.04
C LYS D 231 10.68 -17.36 10.48
N GLU D 232 10.19 -17.26 9.24
CA GLU D 232 9.93 -15.96 8.64
C GLU D 232 8.84 -15.19 9.36
N ALA D 233 7.86 -15.90 9.88
CA ALA D 233 6.77 -15.28 10.61
C ALA D 233 7.20 -14.62 11.92
N VAL D 234 8.05 -15.30 12.68
CA VAL D 234 8.53 -14.73 13.93
C VAL D 234 9.53 -13.61 13.71
N ILE D 235 10.33 -13.70 12.65
CA ILE D 235 11.21 -12.54 12.28
C ILE D 235 10.35 -11.33 11.92
N SER D 236 9.32 -11.54 11.12
CA SER D 236 8.48 -10.47 10.69
C SER D 236 7.66 -9.92 11.88
N ALA D 237 7.22 -10.81 12.76
CA ALA D 237 6.50 -10.37 13.96
C ALA D 237 7.37 -9.52 14.85
N LYS D 238 8.64 -9.88 15.02
CA LYS D 238 9.50 -9.07 15.87
C LYS D 238 9.65 -7.66 15.28
N ALA D 239 9.79 -7.55 13.96
CA ALA D 239 9.90 -6.20 13.32
C ALA D 239 8.62 -5.41 13.57
N PHE D 240 7.49 -6.08 13.42
CA PHE D 240 6.20 -5.47 13.53
C PHE D 240 5.97 -4.94 14.94
N VAL D 241 6.22 -5.78 15.95
CA VAL D 241 6.03 -5.37 17.31
C VAL D 241 7.07 -4.34 17.72
N ALA D 242 8.29 -4.45 17.16
CA ALA D 242 9.34 -3.50 17.51
C ALA D 242 8.94 -2.10 17.12
N SER D 243 8.34 -1.95 15.95
CA SER D 243 7.87 -0.60 15.57
C SER D 243 6.75 -0.13 16.52
N ALA D 244 5.82 -1.04 16.85
CA ALA D 244 4.71 -0.69 17.74
C ALA D 244 5.26 -0.23 19.09
N ILE D 245 6.30 -0.91 19.58
CA ILE D 245 6.91 -0.55 20.84
C ILE D 245 7.63 0.78 20.77
N LYS D 246 8.45 0.98 19.74
CA LYS D 246 9.11 2.28 19.55
CA LYS D 246 9.12 2.27 19.54
C LYS D 246 8.12 3.43 19.60
N ASN D 247 6.94 3.21 19.04
CA ASN D 247 5.91 4.23 18.93
C ASN D 247 4.80 4.15 19.95
N GLY D 248 5.08 3.49 21.07
CA GLY D 248 4.18 3.46 22.17
C GLY D 248 3.92 4.86 22.71
N TRP D 249 2.78 5.04 23.37
CA TRP D 249 2.36 6.35 23.87
C TRP D 249 1.73 6.29 25.23
N LYS D 250 1.82 7.40 25.96
CA LYS D 250 1.32 7.52 27.33
C LYS D 250 -0.20 7.67 27.39
N MET D 251 -0.86 6.67 27.97
CA MET D 251 -2.34 6.72 28.15
C MET D 251 -2.72 7.41 29.46
N ASN D 252 -1.95 7.13 30.51
CA ASN D 252 -2.12 7.77 31.80
C ASN D 252 -0.85 7.51 32.59
N ASP D 253 -0.86 7.78 33.88
CA ASP D 253 0.36 7.67 34.67
C ASP D 253 0.69 6.23 35.03
N PHE D 254 -0.15 5.30 34.57
CA PHE D 254 0.00 3.88 34.89
C PHE D 254 0.30 2.98 33.71
N VAL D 255 0.02 3.42 32.49
CA VAL D 255 0.13 2.55 31.37
C VAL D 255 0.27 3.35 30.09
N GLY D 256 0.85 2.70 29.10
CA GLY D 256 0.78 3.18 27.74
C GLY D 256 0.89 2.07 26.76
N PRO D 257 0.00 2.06 25.77
CA PRO D 257 0.05 0.97 24.81
C PRO D 257 1.06 1.13 23.67
N VAL D 258 1.44 -0.01 23.09
CA VAL D 258 2.12 -0.04 21.81
C VAL D 258 1.18 0.52 20.73
N ASP D 259 1.78 1.02 19.64
CA ASP D 259 1.04 1.52 18.48
C ASP D 259 0.98 0.42 17.42
N HIS D 260 -0.10 -0.35 17.45
CA HIS D 260 -0.20 -1.52 16.62
C HIS D 260 -0.02 -1.22 15.13
N GLY D 261 -0.41 -0.02 14.72
CA GLY D 261 -0.30 0.44 13.35
C GLY D 261 1.02 1.02 12.93
N ALA D 262 1.97 1.06 13.84
CA ALA D 262 3.23 1.79 13.55
C ALA D 262 4.04 1.18 12.40
N TYR D 263 4.09 -0.12 12.28
CA TYR D 263 4.89 -0.76 11.23
C TYR D 263 4.47 -0.27 9.86
N ASN D 264 3.17 -0.19 9.62
CA ASN D 264 2.67 0.24 8.34
C ASN D 264 2.54 1.77 8.20
N ARG D 265 2.23 2.47 9.30
CA ARG D 265 2.00 3.93 9.26
CA ARG D 265 1.99 3.92 9.28
C ARG D 265 3.23 4.78 9.44
N ILE D 266 4.19 4.29 10.21
CA ILE D 266 5.32 5.08 10.66
C ILE D 266 6.65 4.54 10.11
N GLU D 267 7.02 3.32 10.45
CA GLU D 267 8.34 2.84 10.09
C GLU D 267 8.47 1.32 10.28
N HIS D 268 9.30 0.75 9.42
CA HIS D 268 9.77 -0.56 9.61
C HIS D 268 10.98 -0.54 10.55
N ILE D 269 11.23 -1.67 11.22
CA ILE D 269 12.35 -1.83 12.10
C ILE D 269 13.14 -3.07 11.65
N ASP D 270 14.46 -2.95 11.66
CA ASP D 270 15.34 -4.01 11.20
C ASP D 270 15.49 -5.10 12.26
N VAL D 271 15.52 -6.34 11.83
CA VAL D 271 15.75 -7.52 12.67
C VAL D 271 17.01 -8.23 12.16
N GLU D 272 17.96 -8.41 13.06
CA GLU D 272 19.17 -9.17 12.81
C GLU D 272 18.88 -10.63 13.17
N VAL D 273 19.30 -11.54 12.29
CA VAL D 273 19.08 -12.97 12.44
C VAL D 273 20.43 -13.67 12.38
N THR D 274 20.77 -14.40 13.46
CA THR D 274 22.04 -15.09 13.58
C THR D 274 21.83 -16.46 14.21
N GLU D 275 22.60 -17.44 13.73
CA GLU D 275 22.56 -18.79 14.33
C GLU D 275 23.41 -18.81 15.58
N VAL D 276 22.85 -19.40 16.63
CA VAL D 276 23.56 -19.49 17.92
C VAL D 276 23.56 -20.89 18.54
#